data_7NJY
#
_entry.id   7NJY
#
_cell.length_a   1.00
_cell.length_b   1.00
_cell.length_c   1.00
_cell.angle_alpha   90.00
_cell.angle_beta   90.00
_cell.angle_gamma   90.00
#
_symmetry.space_group_name_H-M   'P 1'
#
loop_
_entity.id
_entity.type
_entity.pdbx_description
1 polymer 'ATP synthase subunit c'
2 polymer 'ATP synthase subunit a'
3 polymer 'ATP synthase subunit b'
4 polymer 'ATP synthase subunit b-delta'
#
loop_
_entity_poly.entity_id
_entity_poly.type
_entity_poly.pdbx_seq_one_letter_code
_entity_poly.pdbx_strand_id
1 'polypeptide(L)'
;MDLDPNAIITAGALIGGGLIMGGGAIGAGIGDGIAGNALISGIARQPEAQGRLFTPFFITVGLVEAAYFINLAFMALFVF
ATPGLQ
;
L,M,N,O,P,Q,R,S,T
2 'polypeptide(L)'
;MLAAEEGGAAIHVGHHTLVFELFGMTFNGDTILATAVTAVIVIALAFYLRAKVTSTGVPSGVQLFWEALTIQMRQQIEGS
IGMKIAPFVLPLSVTIFVFILISNWLAVLPLQYGGADGAAAELYKAPASDINFVLALALFVFVCYHAAGIWRRGIVGHPI
KVVKGHVAFLAPINIVEELAKPISLALRLFGNIFAGGILVALIAMFPWYIQWFPNAVWKTFDLFVGLIQAFIFSLLTILY
FSQSMELDHEDH
;
a
3 'polypeptide(L)'
;MGEFSATILAASQAAEEGGGGSNFLIPNGTFFAVLIIFLIVLGVISKWVVPPISKVLAEREAMLAKTAADNRKSAEQVAA
AQADYEKEMAEARAQASALRDEARAAGRSVVDEKRAQASGEVAQTLTQADQQLSAQGDQVRSGLESSVDGLSAKLASRIL
GVDVNSGGTQHHHHHHHHHH
;
b
4 'polypeptide(L)'
;MSIFIGQLIGFAVIAFIIVKWVVPPVRTLMRNQQEAVRAALAESAEAAKKLADADAMHAKALADAKAESEKVTEEAKQDS
ERIAAQLSEQAGSEAERIKAQGAQQIQLMRQQLIRQLRTGLGAEAVNKAAEIVRAHVADPQAQSATVDRFLSELEQMAPS
SVVIDTAATSRLRAASRQSLAALVEKFDSVAGGLDADGLTNLADELASVAKLLLSETALNKHLAEPTDDSAPKVRLLERL
LSDKVSATTLDLLRTAVSNRWSTESNLIDAVEHTARLALLKRAEIAGEVDEVEEQLFRFGRVLDAEPRLSALLSDYTTPA
EGRVALLDKALTGRPGVNQTAAALLSQTVGLLRGERADEAVIDLAELAVSRRGEVVAHVSAAAELSDAQRTRLTEVLSRI
YGRPVSVQLHVDPELLGGLSITVGDEVIDGSIASRLAAAQTGLPD
;
d
#
# COMPACT_ATOMS: atom_id res chain seq x y z
N LEU A 3 2.49 32.11 22.05
CA LEU A 3 2.65 30.88 22.81
C LEU A 3 3.91 30.14 22.38
N ASP A 4 4.09 28.94 22.91
CA ASP A 4 5.32 28.19 22.65
C ASP A 4 5.39 27.75 21.19
N PRO A 5 6.40 28.15 20.43
CA PRO A 5 6.48 27.67 19.04
C PRO A 5 6.57 26.17 18.93
N ASN A 6 7.30 25.52 19.85
CA ASN A 6 7.43 24.08 19.80
C ASN A 6 6.08 23.40 19.93
N ALA A 7 5.12 24.03 20.61
CA ALA A 7 3.79 23.43 20.73
C ALA A 7 3.15 23.25 19.36
N ILE A 8 3.09 24.32 18.57
CA ILE A 8 2.46 24.21 17.25
C ILE A 8 3.32 23.36 16.31
N ILE A 9 4.64 23.45 16.45
CA ILE A 9 5.49 22.61 15.61
C ILE A 9 5.23 21.13 15.89
N THR A 10 5.10 20.76 17.16
CA THR A 10 4.84 19.38 17.51
C THR A 10 3.43 18.96 17.10
N ALA A 11 2.46 19.86 17.22
CA ALA A 11 1.12 19.53 16.74
C ALA A 11 1.12 19.24 15.25
N GLY A 12 1.80 20.09 14.48
CA GLY A 12 1.92 19.84 13.04
C GLY A 12 2.66 18.55 12.74
N ALA A 13 3.71 18.26 13.52
CA ALA A 13 4.44 17.01 13.33
C ALA A 13 3.55 15.81 13.60
N LEU A 14 2.73 15.87 14.66
CA LEU A 14 1.83 14.75 14.96
C LEU A 14 0.79 14.58 13.87
N ILE A 15 0.23 15.69 13.37
CA ILE A 15 -0.75 15.59 12.29
C ILE A 15 -0.11 15.00 11.04
N GLY A 16 1.11 15.45 10.71
CA GLY A 16 1.78 14.92 9.54
C GLY A 16 2.12 13.45 9.67
N GLY A 17 2.58 13.04 10.85
CA GLY A 17 2.84 11.63 11.08
C GLY A 17 1.58 10.79 10.99
N GLY A 18 0.47 11.32 11.51
CA GLY A 18 -0.80 10.62 11.36
C GLY A 18 -1.19 10.46 9.91
N LEU A 19 -1.02 11.52 9.12
CA LEU A 19 -1.31 11.42 7.68
C LEU A 19 -0.43 10.37 7.03
N ILE A 20 0.86 10.38 7.35
CA ILE A 20 1.79 9.42 6.76
C ILE A 20 1.35 8.00 7.09
N MET A 21 1.07 7.73 8.37
CA MET A 21 0.72 6.38 8.79
C MET A 21 -0.62 5.95 8.21
N GLY A 22 -1.60 6.86 8.16
CA GLY A 22 -2.88 6.50 7.59
C GLY A 22 -2.77 6.15 6.12
N GLY A 23 -2.07 6.99 5.36
CA GLY A 23 -1.87 6.68 3.94
C GLY A 23 -1.13 5.37 3.74
N GLY A 24 -0.06 5.16 4.51
CA GLY A 24 0.67 3.91 4.39
C GLY A 24 -0.19 2.70 4.71
N ALA A 25 -1.00 2.80 5.76
CA ALA A 25 -1.86 1.70 6.13
C ALA A 25 -2.90 1.42 5.05
N ILE A 26 -3.51 2.47 4.50
CA ILE A 26 -4.46 2.26 3.42
C ILE A 26 -3.79 1.53 2.26
N GLY A 27 -2.65 2.05 1.81
CA GLY A 27 -1.98 1.46 0.67
C GLY A 27 -1.59 0.02 0.91
N ALA A 28 -0.96 -0.26 2.06
CA ALA A 28 -0.50 -1.61 2.35
C ALA A 28 -1.67 -2.57 2.48
N GLY A 29 -2.71 -2.17 3.21
CA GLY A 29 -3.86 -3.05 3.37
C GLY A 29 -4.49 -3.41 2.05
N ILE A 30 -4.75 -2.40 1.20
CA ILE A 30 -5.43 -2.68 -0.06
C ILE A 30 -4.53 -3.47 -1.00
N GLY A 31 -3.23 -3.12 -1.06
CA GLY A 31 -2.34 -3.86 -1.94
C GLY A 31 -2.16 -5.31 -1.51
N ASP A 32 -2.02 -5.54 -0.20
CA ASP A 32 -1.90 -6.91 0.29
C ASP A 32 -3.19 -7.67 0.04
N GLY A 33 -4.34 -7.03 0.22
CA GLY A 33 -5.60 -7.69 -0.11
C GLY A 33 -5.68 -8.09 -1.56
N ILE A 34 -5.25 -7.21 -2.46
CA ILE A 34 -5.31 -7.51 -3.89
C ILE A 34 -4.35 -8.66 -4.24
N ALA A 35 -3.13 -8.62 -3.70
CA ALA A 35 -2.18 -9.69 -3.96
C ALA A 35 -2.69 -11.03 -3.41
N GLY A 36 -3.24 -11.01 -2.20
CA GLY A 36 -3.81 -12.22 -1.64
C GLY A 36 -5.00 -12.73 -2.40
N ASN A 37 -5.80 -11.82 -2.97
CA ASN A 37 -6.90 -12.23 -3.83
C ASN A 37 -6.36 -12.97 -5.04
N ALA A 38 -5.32 -12.44 -5.66
CA ALA A 38 -4.72 -13.13 -6.80
C ALA A 38 -4.20 -14.50 -6.39
N LEU A 39 -3.52 -14.58 -5.24
CA LEU A 39 -2.99 -15.86 -4.78
C LEU A 39 -4.10 -16.87 -4.54
N ILE A 40 -5.15 -16.46 -3.81
CA ILE A 40 -6.24 -17.37 -3.49
C ILE A 40 -6.95 -17.83 -4.76
N SER A 41 -7.20 -16.91 -5.69
CA SER A 41 -7.86 -17.30 -6.94
C SER A 41 -7.00 -18.26 -7.73
N GLY A 42 -5.69 -18.00 -7.82
CA GLY A 42 -4.82 -18.90 -8.54
C GLY A 42 -4.78 -20.29 -7.92
N ILE A 43 -4.75 -20.35 -6.58
CA ILE A 43 -4.75 -21.65 -5.92
C ILE A 43 -6.08 -22.36 -6.13
N ALA A 44 -7.18 -21.62 -6.09
CA ALA A 44 -8.49 -22.24 -6.31
C ALA A 44 -8.60 -22.81 -7.71
N ARG A 45 -8.11 -22.08 -8.72
CA ARG A 45 -8.24 -22.55 -10.09
C ARG A 45 -7.50 -23.85 -10.32
N GLN A 46 -6.21 -23.88 -9.95
CA GLN A 46 -5.33 -25.01 -10.25
C GLN A 46 -4.59 -25.33 -8.96
N PRO A 47 -5.14 -26.22 -8.13
CA PRO A 47 -4.66 -26.36 -6.75
C PRO A 47 -3.17 -26.65 -6.60
N GLU A 48 -2.56 -27.35 -7.56
CA GLU A 48 -1.16 -27.76 -7.42
C GLU A 48 -0.17 -26.64 -7.70
N ALA A 49 -0.65 -25.42 -7.99
CA ALA A 49 0.23 -24.27 -8.13
C ALA A 49 0.54 -23.59 -6.81
N GLN A 50 0.08 -24.15 -5.69
CA GLN A 50 0.22 -23.47 -4.41
C GLN A 50 1.68 -23.09 -4.14
N GLY A 51 2.59 -24.06 -4.24
CA GLY A 51 3.99 -23.75 -4.04
C GLY A 51 4.54 -22.80 -5.09
N ARG A 52 4.03 -22.93 -6.32
CA ARG A 52 4.55 -22.12 -7.42
C ARG A 52 4.17 -20.66 -7.28
N LEU A 53 3.00 -20.38 -6.71
CA LEU A 53 2.51 -19.01 -6.63
C LEU A 53 3.07 -18.25 -5.44
N PHE A 54 3.69 -18.93 -4.48
CA PHE A 54 4.13 -18.25 -3.27
C PHE A 54 5.31 -17.33 -3.56
N THR A 55 6.18 -17.71 -4.49
CA THR A 55 7.32 -16.86 -4.81
C THR A 55 6.90 -15.50 -5.33
N PRO A 56 6.04 -15.38 -6.35
CA PRO A 56 5.61 -14.04 -6.76
C PRO A 56 4.79 -13.33 -5.70
N PHE A 57 3.89 -14.04 -5.03
CA PHE A 57 3.03 -13.40 -4.04
C PHE A 57 3.86 -12.65 -3.01
N PHE A 58 4.83 -13.33 -2.40
CA PHE A 58 5.66 -12.65 -1.42
C PHE A 58 6.43 -11.50 -2.05
N ILE A 59 6.90 -11.68 -3.28
CA ILE A 59 7.53 -10.56 -3.98
C ILE A 59 6.58 -9.38 -3.99
N THR A 60 5.33 -9.61 -4.38
CA THR A 60 4.34 -8.54 -4.33
C THR A 60 4.22 -7.99 -2.91
N VAL A 61 4.11 -8.88 -1.92
CA VAL A 61 4.02 -8.43 -0.54
C VAL A 61 5.25 -7.60 -0.19
N GLY A 62 6.40 -7.95 -0.75
CA GLY A 62 7.58 -7.16 -0.50
C GLY A 62 7.48 -5.76 -1.06
N LEU A 63 6.92 -5.63 -2.26
CA LEU A 63 6.87 -4.33 -2.92
C LEU A 63 5.77 -3.46 -2.33
N VAL A 64 4.67 -4.07 -1.89
CA VAL A 64 3.56 -3.30 -1.35
C VAL A 64 3.89 -2.79 0.04
N GLU A 65 4.07 -3.71 0.99
CA GLU A 65 4.30 -3.32 2.38
C GLU A 65 5.47 -2.36 2.51
N ALA A 66 6.48 -2.46 1.64
CA ALA A 66 7.57 -1.51 1.65
C ALA A 66 7.07 -0.10 1.86
N ALA A 67 6.19 0.36 0.97
CA ALA A 67 5.65 1.70 1.08
C ALA A 67 5.23 1.98 2.52
N TYR A 68 4.28 1.19 3.04
CA TYR A 68 3.81 1.41 4.40
C TYR A 68 4.97 1.51 5.37
N PHE A 69 5.86 0.51 5.38
CA PHE A 69 6.94 0.54 6.34
C PHE A 69 7.84 1.74 6.11
N ILE A 70 8.15 2.07 4.86
CA ILE A 70 8.92 3.28 4.62
C ILE A 70 8.20 4.47 5.24
N ASN A 71 6.91 4.60 4.95
CA ASN A 71 6.14 5.66 5.58
C ASN A 71 6.31 5.61 7.09
N LEU A 72 6.15 4.42 7.67
CA LEU A 72 6.29 4.30 9.12
C LEU A 72 7.60 4.92 9.58
N ALA A 73 8.71 4.58 8.93
CA ALA A 73 9.99 5.14 9.35
C ALA A 73 9.92 6.66 9.39
N PHE A 74 9.47 7.28 8.30
CA PHE A 74 9.43 8.73 8.27
C PHE A 74 8.49 9.28 9.32
N MET A 75 7.39 8.58 9.60
CA MET A 75 6.50 9.05 10.67
C MET A 75 7.26 9.16 11.97
N ALA A 76 8.09 8.16 12.29
CA ALA A 76 8.94 8.28 13.47
C ALA A 76 9.77 9.55 13.40
N LEU A 77 10.41 9.80 12.26
CA LEU A 77 11.21 11.01 12.12
C LEU A 77 10.36 12.25 12.40
N PHE A 78 9.09 12.22 12.01
CA PHE A 78 8.23 13.37 12.26
C PHE A 78 7.98 13.55 13.75
N VAL A 79 7.77 12.45 14.47
CA VAL A 79 7.26 12.54 15.84
C VAL A 79 8.33 12.31 16.90
N PHE A 80 9.50 11.81 16.52
CA PHE A 80 10.57 11.57 17.48
C PHE A 80 11.78 12.47 17.28
N ALA A 81 12.14 12.79 16.05
CA ALA A 81 13.16 13.79 15.74
C ALA A 81 12.56 14.74 14.71
N THR A 82 11.80 15.71 15.19
CA THR A 82 11.02 16.56 14.31
C THR A 82 11.92 17.54 13.58
N PRO A 83 11.97 17.51 12.25
CA PRO A 83 12.75 18.53 11.53
C PRO A 83 12.18 19.91 11.77
N GLY A 84 13.09 20.89 11.88
CA GLY A 84 12.67 22.26 12.10
C GLY A 84 12.20 22.56 13.51
N LEU A 85 12.34 21.62 14.44
CA LEU A 85 11.92 21.87 15.81
C LEU A 85 12.81 22.93 16.44
N GLN A 86 12.20 23.80 17.25
CA GLN A 86 12.90 24.92 17.85
C GLN A 86 12.98 24.76 19.36
N LEU B 3 3.92 35.33 18.06
CA LEU B 3 4.16 33.96 17.61
C LEU B 3 5.22 33.94 16.51
N ASP B 4 6.05 32.91 16.50
CA ASP B 4 7.15 32.83 15.56
C ASP B 4 6.63 32.52 14.17
N PRO B 5 6.87 33.37 13.16
CA PRO B 5 6.45 33.00 11.80
C PRO B 5 7.05 31.69 11.33
N ASN B 6 8.31 31.44 11.68
CA ASN B 6 8.96 30.20 11.26
C ASN B 6 8.25 28.99 11.82
N ALA B 7 7.69 29.10 13.02
CA ALA B 7 6.99 27.96 13.61
C ALA B 7 5.74 27.61 12.81
N ILE B 8 4.96 28.63 12.43
CA ILE B 8 3.77 28.38 11.62
C ILE B 8 4.17 27.79 10.28
N ILE B 9 5.21 28.36 9.65
CA ILE B 9 5.65 27.84 8.35
C ILE B 9 6.11 26.39 8.50
N THR B 10 6.79 26.06 9.58
CA THR B 10 7.28 24.71 9.78
C THR B 10 6.15 23.73 10.02
N ALA B 11 5.14 24.13 10.79
CA ALA B 11 3.98 23.25 10.99
C ALA B 11 3.27 23.01 9.68
N GLY B 12 3.09 24.07 8.88
CA GLY B 12 2.48 23.89 7.57
C GLY B 12 3.29 22.98 6.68
N ALA B 13 4.61 23.13 6.70
CA ALA B 13 5.48 22.28 5.89
C ALA B 13 5.38 20.83 6.32
N LEU B 14 5.33 20.58 7.63
CA LEU B 14 5.21 19.21 8.12
C LEU B 14 3.88 18.60 7.70
N ILE B 15 2.80 19.36 7.78
CA ILE B 15 1.50 18.85 7.34
C ILE B 15 1.52 18.57 5.84
N GLY B 16 2.12 19.46 5.06
CA GLY B 16 2.21 19.24 3.63
C GLY B 16 3.02 18.01 3.28
N GLY B 17 4.16 17.83 3.94
CA GLY B 17 4.96 16.64 3.71
C GLY B 17 4.23 15.37 4.11
N GLY B 18 3.49 15.42 5.21
CA GLY B 18 2.68 14.28 5.58
C GLY B 18 1.65 13.94 4.52
N LEU B 19 0.99 14.96 3.97
CA LEU B 19 0.03 14.71 2.90
C LEU B 19 0.72 14.12 1.67
N ILE B 20 1.87 14.66 1.31
CA ILE B 20 2.62 14.15 0.17
C ILE B 20 2.91 12.66 0.35
N MET B 21 3.44 12.31 1.53
CA MET B 21 3.82 10.92 1.77
C MET B 21 2.61 10.01 1.87
N GLY B 22 1.52 10.48 2.48
CA GLY B 22 0.32 9.67 2.53
C GLY B 22 -0.21 9.35 1.15
N GLY B 23 -0.31 10.37 0.29
CA GLY B 23 -0.75 10.12 -1.07
C GLY B 23 0.20 9.20 -1.82
N GLY B 24 1.50 9.44 -1.71
CA GLY B 24 2.46 8.59 -2.39
C GLY B 24 2.39 7.15 -1.93
N ALA B 25 2.25 6.93 -0.63
CA ALA B 25 2.16 5.57 -0.11
C ALA B 25 0.88 4.88 -0.56
N ILE B 26 -0.24 5.59 -0.53
CA ILE B 26 -1.48 4.99 -1.02
C ILE B 26 -1.31 4.57 -2.47
N GLY B 27 -0.82 5.49 -3.30
CA GLY B 27 -0.66 5.18 -4.72
C GLY B 27 0.27 4.01 -4.94
N ALA B 28 1.44 4.05 -4.29
CA ALA B 28 2.44 2.99 -4.50
C ALA B 28 1.90 1.64 -4.05
N GLY B 29 1.33 1.59 -2.85
CA GLY B 29 0.82 0.33 -2.34
C GLY B 29 -0.25 -0.25 -3.24
N ILE B 30 -1.23 0.57 -3.62
CA ILE B 30 -2.35 0.03 -4.40
C ILE B 30 -1.90 -0.35 -5.80
N GLY B 31 -1.08 0.49 -6.44
CA GLY B 31 -0.60 0.16 -7.78
C GLY B 31 0.26 -1.09 -7.79
N ASP B 32 1.16 -1.21 -6.82
CA ASP B 32 1.99 -2.41 -6.74
C ASP B 32 1.15 -3.64 -6.46
N GLY B 33 0.12 -3.50 -5.61
CA GLY B 33 -0.77 -4.63 -5.38
C GLY B 33 -1.48 -5.05 -6.65
N ILE B 34 -1.95 -4.09 -7.45
CA ILE B 34 -2.64 -4.42 -8.69
C ILE B 34 -1.70 -5.11 -9.66
N ALA B 35 -0.48 -4.56 -9.81
CA ALA B 35 0.50 -5.17 -10.70
C ALA B 35 0.85 -6.58 -10.24
N GLY B 36 1.05 -6.76 -8.94
CA GLY B 36 1.33 -8.09 -8.42
C GLY B 36 0.18 -9.06 -8.59
N ASN B 37 -1.05 -8.57 -8.50
CA ASN B 37 -2.20 -9.41 -8.78
C ASN B 37 -2.16 -9.91 -10.22
N ALA B 38 -1.87 -8.99 -11.15
CA ALA B 38 -1.74 -9.40 -12.55
C ALA B 38 -0.63 -10.44 -12.71
N LEU B 39 0.51 -10.20 -12.07
CA LEU B 39 1.64 -11.12 -12.18
C LEU B 39 1.30 -12.50 -11.61
N ILE B 40 0.67 -12.53 -10.44
CA ILE B 40 0.35 -13.80 -9.81
C ILE B 40 -0.65 -14.57 -10.65
N SER B 41 -1.67 -13.89 -11.17
CA SER B 41 -2.63 -14.57 -12.04
C SER B 41 -1.93 -15.13 -13.28
N GLY B 42 -1.09 -14.31 -13.93
CA GLY B 42 -0.40 -14.77 -15.12
C GLY B 42 0.45 -15.98 -14.85
N ILE B 43 1.18 -15.98 -13.73
CA ILE B 43 2.03 -17.12 -13.39
C ILE B 43 1.17 -18.34 -13.08
N ALA B 44 0.01 -18.13 -12.43
CA ALA B 44 -0.87 -19.25 -12.13
C ALA B 44 -1.37 -19.92 -13.40
N ARG B 45 -1.82 -19.11 -14.37
CA ARG B 45 -2.34 -19.71 -15.60
C ARG B 45 -1.22 -20.27 -16.46
N GLN B 46 -0.13 -19.53 -16.62
CA GLN B 46 0.97 -19.91 -17.50
C GLN B 46 2.27 -19.97 -16.71
N PRO B 47 2.62 -21.14 -16.16
CA PRO B 47 3.87 -21.22 -15.39
C PRO B 47 5.12 -20.89 -16.20
N GLU B 48 5.15 -21.24 -17.48
CA GLU B 48 6.34 -20.97 -18.27
C GLU B 48 6.53 -19.49 -18.58
N ALA B 49 5.51 -18.67 -18.28
CA ALA B 49 5.58 -17.24 -18.58
C ALA B 49 6.24 -16.44 -17.47
N GLN B 50 6.51 -17.03 -16.32
CA GLN B 50 7.09 -16.27 -15.21
C GLN B 50 8.32 -15.51 -15.68
N GLY B 51 9.23 -16.21 -16.37
CA GLY B 51 10.47 -15.57 -16.78
C GLY B 51 10.23 -14.32 -17.60
N ARG B 52 9.22 -14.36 -18.47
CA ARG B 52 8.92 -13.17 -19.27
C ARG B 52 8.01 -12.21 -18.52
N LEU B 53 7.19 -12.73 -17.59
CA LEU B 53 6.21 -11.88 -16.92
C LEU B 53 6.88 -10.87 -16.00
N PHE B 54 8.15 -11.06 -15.64
CA PHE B 54 8.84 -10.05 -14.84
C PHE B 54 9.23 -8.84 -15.69
N THR B 55 9.37 -9.04 -17.00
CA THR B 55 9.74 -7.90 -17.86
C THR B 55 8.70 -6.79 -17.83
N PRO B 56 7.42 -7.06 -18.08
CA PRO B 56 6.44 -5.97 -17.97
C PRO B 56 6.13 -5.59 -16.54
N PHE B 57 5.99 -6.58 -15.66
CA PHE B 57 5.58 -6.28 -14.29
C PHE B 57 6.48 -5.24 -13.65
N PHE B 58 7.80 -5.46 -13.69
CA PHE B 58 8.70 -4.52 -13.06
C PHE B 58 8.72 -3.19 -13.82
N ILE B 59 8.49 -3.22 -15.14
CA ILE B 59 8.31 -1.96 -15.86
C ILE B 59 7.21 -1.16 -15.19
N THR B 60 6.09 -1.80 -14.90
CA THR B 60 5.03 -1.13 -14.17
C THR B 60 5.52 -0.67 -12.81
N VAL B 61 6.23 -1.55 -12.09
CA VAL B 61 6.77 -1.17 -10.79
C VAL B 61 7.74 -0.01 -10.95
N GLY B 62 8.36 0.10 -12.12
CA GLY B 62 9.23 1.24 -12.36
C GLY B 62 8.48 2.55 -12.30
N LEU B 63 7.27 2.58 -12.87
CA LEU B 63 6.51 3.82 -12.89
C LEU B 63 5.83 4.06 -11.55
N VAL B 64 5.13 3.06 -11.03
CA VAL B 64 4.41 3.23 -9.77
C VAL B 64 5.37 3.69 -8.67
N GLU B 65 6.52 3.04 -8.56
CA GLU B 65 7.52 3.48 -7.58
C GLU B 65 7.98 4.90 -7.86
N ALA B 66 8.24 5.23 -9.13
CA ALA B 66 8.83 6.52 -9.46
C ALA B 66 8.08 7.65 -8.76
N ALA B 67 6.79 7.79 -9.10
CA ALA B 67 5.96 8.81 -8.47
C ALA B 67 6.21 8.86 -6.97
N TYR B 68 6.03 7.72 -6.30
CA TYR B 68 6.25 7.65 -4.86
C TYR B 68 7.52 8.37 -4.46
N PHE B 69 8.65 7.91 -5.00
CA PHE B 69 9.93 8.46 -4.56
C PHE B 69 10.03 9.94 -4.91
N ILE B 70 9.48 10.35 -6.05
CA ILE B 70 9.45 11.77 -6.36
C ILE B 70 8.76 12.52 -5.23
N ASN B 71 7.56 12.05 -4.86
CA ASN B 71 6.89 12.63 -3.70
C ASN B 71 7.82 12.64 -2.51
N LEU B 72 8.43 11.50 -2.21
CA LEU B 72 9.34 11.43 -1.08
C LEU B 72 10.37 12.53 -1.17
N ALA B 73 10.99 12.69 -2.33
CA ALA B 73 12.00 13.72 -2.50
C ALA B 73 11.45 15.07 -2.07
N PHE B 74 10.30 15.46 -2.62
CA PHE B 74 9.76 16.77 -2.31
C PHE B 74 9.40 16.88 -0.84
N MET B 75 8.96 15.78 -0.23
CA MET B 75 8.72 15.82 1.21
C MET B 75 9.96 16.30 1.95
N ALA B 76 11.12 15.76 1.59
CA ALA B 76 12.36 16.23 2.20
C ALA B 76 12.51 17.72 1.97
N LEU B 77 12.34 18.17 0.74
CA LEU B 77 12.44 19.60 0.45
C LEU B 77 11.47 20.40 1.30
N PHE B 78 10.34 19.81 1.67
CA PHE B 78 9.38 20.51 2.51
C PHE B 78 9.84 20.59 3.96
N VAL B 79 10.46 19.53 4.47
CA VAL B 79 10.70 19.42 5.91
C VAL B 79 12.14 19.78 6.25
N PHE B 80 13.05 19.57 5.31
CA PHE B 80 14.46 19.85 5.53
C PHE B 80 14.91 21.16 4.89
N ALA B 81 14.30 21.56 3.78
CA ALA B 81 14.64 22.80 3.08
C ALA B 81 13.39 23.59 2.78
N THR B 82 12.54 23.76 3.80
CA THR B 82 11.22 24.35 3.65
C THR B 82 11.26 25.59 2.78
N PRO B 83 10.67 25.55 1.58
CA PRO B 83 10.62 26.77 0.77
C PRO B 83 9.80 27.85 1.46
N GLY B 84 10.22 29.09 1.26
CA GLY B 84 9.51 30.21 1.87
C GLY B 84 9.75 30.38 3.35
N LEU B 85 10.68 29.62 3.92
CA LEU B 85 10.97 29.76 5.35
C LEU B 85 11.72 31.06 5.60
N GLN B 86 11.20 31.87 6.51
CA GLN B 86 11.80 33.17 6.80
C GLN B 86 12.97 33.02 7.77
N LEU C 3 2.22 38.81 13.98
CA LEU C 3 2.16 37.63 13.12
C LEU C 3 2.24 38.04 11.65
N ASP C 4 3.33 37.68 11.01
CA ASP C 4 3.56 38.06 9.62
C ASP C 4 2.52 37.38 8.72
N PRO C 5 1.74 38.12 7.94
CA PRO C 5 0.79 37.46 7.02
C PRO C 5 1.49 36.54 6.03
N ASN C 6 2.71 36.88 5.62
CA ASN C 6 3.44 36.03 4.71
C ASN C 6 3.59 34.62 5.27
N ALA C 7 3.74 34.50 6.59
CA ALA C 7 3.88 33.17 7.19
C ALA C 7 2.60 32.36 7.02
N ILE C 8 1.44 32.97 7.27
CA ILE C 8 0.18 32.26 7.09
C ILE C 8 0.00 31.87 5.63
N ILE C 9 0.31 32.78 4.71
CA ILE C 9 0.17 32.48 3.30
C ILE C 9 1.09 31.34 2.89
N THR C 10 2.33 31.34 3.40
CA THR C 10 3.27 30.29 3.06
C THR C 10 2.83 28.94 3.63
N ALA C 11 2.30 28.93 4.85
CA ALA C 11 1.79 27.69 5.41
C ALA C 11 0.64 27.15 4.59
N GLY C 12 -0.29 28.02 4.20
CA GLY C 12 -1.38 27.59 3.34
C GLY C 12 -0.89 27.07 2.01
N ALA C 13 0.11 27.74 1.42
CA ALA C 13 0.67 27.29 0.15
C ALA C 13 1.34 25.93 0.29
N LEU C 14 2.07 25.71 1.39
CA LEU C 14 2.70 24.42 1.61
C LEU C 14 1.66 23.31 1.77
N ILE C 15 0.60 23.57 2.52
CA ILE C 15 -0.45 22.56 2.67
C ILE C 15 -1.11 22.28 1.32
N GLY C 16 -1.39 23.33 0.55
CA GLY C 16 -2.00 23.14 -0.76
C GLY C 16 -1.12 22.35 -1.70
N GLY C 17 0.17 22.67 -1.74
CA GLY C 17 1.10 21.91 -2.56
C GLY C 17 1.20 20.47 -2.12
N GLY C 18 1.17 20.23 -0.82
CA GLY C 18 1.15 18.86 -0.33
C GLY C 18 -0.08 18.11 -0.80
N LEU C 19 -1.24 18.76 -0.75
CA LEU C 19 -2.45 18.13 -1.27
C LEU C 19 -2.32 17.85 -2.76
N ILE C 20 -1.78 18.80 -3.52
CA ILE C 20 -1.61 18.61 -4.96
C ILE C 20 -0.76 17.37 -5.21
N MET C 21 0.39 17.29 -4.55
CA MET C 21 1.31 16.19 -4.80
C MET C 21 0.76 14.86 -4.31
N GLY C 22 0.05 14.86 -3.17
CA GLY C 22 -0.56 13.63 -2.71
C GLY C 22 -1.60 13.10 -3.67
N GLY C 23 -2.49 13.98 -4.14
CA GLY C 23 -3.49 13.56 -5.10
C GLY C 23 -2.87 13.09 -6.40
N GLY C 24 -1.87 13.82 -6.90
CA GLY C 24 -1.19 13.41 -8.10
C GLY C 24 -0.52 12.05 -7.94
N ALA C 25 0.10 11.82 -6.79
CA ALA C 25 0.75 10.54 -6.54
C ALA C 25 -0.25 9.41 -6.50
N ILE C 26 -1.38 9.62 -5.82
CA ILE C 26 -2.42 8.59 -5.79
C ILE C 26 -2.87 8.26 -7.22
N GLY C 27 -3.19 9.30 -7.99
CA GLY C 27 -3.66 9.07 -9.34
C GLY C 27 -2.63 8.36 -10.20
N ALA C 28 -1.39 8.85 -10.18
CA ALA C 28 -0.35 8.24 -11.00
C ALA C 28 -0.10 6.80 -10.61
N GLY C 29 0.06 6.53 -9.31
CA GLY C 29 0.35 5.19 -8.87
C GLY C 29 -0.76 4.22 -9.25
N ILE C 30 -2.00 4.58 -8.97
CA ILE C 30 -3.09 3.65 -9.21
C ILE C 30 -3.33 3.47 -10.71
N GLY C 31 -3.29 4.57 -11.47
CA GLY C 31 -3.50 4.46 -12.91
C GLY C 31 -2.42 3.64 -13.59
N ASP C 32 -1.15 3.90 -13.24
CA ASP C 32 -0.06 3.13 -13.80
C ASP C 32 -0.17 1.67 -13.39
N GLY C 33 -0.58 1.40 -12.15
CA GLY C 33 -0.76 0.03 -11.72
C GLY C 33 -1.83 -0.69 -12.54
N ILE C 34 -2.94 -0.01 -12.80
CA ILE C 34 -4.02 -0.63 -13.57
C ILE C 34 -3.58 -0.88 -15.01
N ALA C 35 -2.93 0.12 -15.63
CA ALA C 35 -2.43 -0.06 -16.98
C ALA C 35 -1.42 -1.20 -17.05
N GLY C 36 -0.52 -1.26 -16.07
CA GLY C 36 0.44 -2.35 -16.03
C GLY C 36 -0.20 -3.70 -15.81
N ASN C 37 -1.27 -3.75 -15.01
CA ASN C 37 -2.02 -5.00 -14.88
C ASN C 37 -2.54 -5.44 -16.23
N ALA C 38 -3.12 -4.50 -16.99
CA ALA C 38 -3.59 -4.84 -18.33
C ALA C 38 -2.46 -5.34 -19.20
N LEU C 39 -1.31 -4.66 -19.16
CA LEU C 39 -0.18 -5.03 -19.99
C LEU C 39 0.34 -6.42 -19.63
N ILE C 40 0.46 -6.71 -18.33
CA ILE C 40 0.98 -8.00 -17.89
C ILE C 40 0.03 -9.11 -18.29
N SER C 41 -1.28 -8.90 -18.09
CA SER C 41 -2.24 -9.91 -18.50
C SER C 41 -2.19 -10.15 -19.99
N GLY C 42 -2.14 -9.07 -20.78
CA GLY C 42 -2.10 -9.23 -22.22
C GLY C 42 -0.87 -10.00 -22.68
N ILE C 43 0.29 -9.70 -22.09
CA ILE C 43 1.50 -10.43 -22.43
C ILE C 43 1.39 -11.88 -21.99
N ALA C 44 0.73 -12.15 -20.86
CA ALA C 44 0.54 -13.52 -20.41
C ALA C 44 -0.30 -14.31 -21.41
N ARG C 45 -1.39 -13.72 -21.89
CA ARG C 45 -2.25 -14.45 -22.83
C ARG C 45 -1.60 -14.58 -24.20
N GLN C 46 -1.00 -13.51 -24.71
CA GLN C 46 -0.39 -13.48 -26.04
C GLN C 46 1.07 -13.12 -25.92
N PRO C 47 1.96 -14.10 -25.78
CA PRO C 47 3.39 -13.76 -25.60
C PRO C 47 3.95 -12.90 -26.72
N GLU C 48 3.56 -13.15 -27.96
CA GLU C 48 4.09 -12.37 -29.08
C GLU C 48 3.54 -10.95 -29.06
N ALA C 49 2.39 -10.73 -28.41
CA ALA C 49 1.74 -9.43 -28.43
C ALA C 49 2.50 -8.36 -27.66
N GLN C 50 3.53 -8.74 -26.91
CA GLN C 50 4.23 -7.80 -26.05
C GLN C 50 4.48 -6.48 -26.77
N GLY C 51 5.20 -6.51 -27.89
CA GLY C 51 5.47 -5.28 -28.61
C GLY C 51 4.21 -4.50 -28.94
N ARG C 52 3.23 -5.19 -29.53
CA ARG C 52 1.99 -4.51 -29.91
C ARG C 52 1.35 -3.82 -28.72
N LEU C 53 1.54 -4.36 -27.51
CA LEU C 53 0.86 -3.81 -26.35
C LEU C 53 1.57 -2.59 -25.77
N PHE C 54 2.80 -2.29 -26.22
CA PHE C 54 3.47 -1.12 -25.68
C PHE C 54 2.91 0.17 -26.26
N THR C 55 2.42 0.15 -27.49
CA THR C 55 1.88 1.37 -28.08
C THR C 55 0.70 1.89 -27.28
N PRO C 56 -0.33 1.10 -26.98
CA PRO C 56 -1.42 1.64 -26.14
C PRO C 56 -1.01 1.85 -24.70
N PHE C 57 -0.29 0.89 -24.11
CA PHE C 57 0.05 0.99 -22.69
C PHE C 57 0.72 2.32 -22.38
N PHE C 58 1.78 2.64 -23.12
CA PHE C 58 2.49 3.88 -22.86
C PHE C 58 1.58 5.08 -23.06
N ILE C 59 0.68 5.03 -24.06
CA ILE C 59 -0.29 6.11 -24.23
C ILE C 59 -1.05 6.30 -22.92
N THR C 60 -1.57 5.20 -22.36
CA THR C 60 -2.21 5.30 -21.05
C THR C 60 -1.26 5.92 -20.04
N VAL C 61 -0.03 5.42 -19.96
CA VAL C 61 0.94 6.01 -19.05
C VAL C 61 1.10 7.49 -19.35
N GLY C 62 1.21 7.84 -20.64
CA GLY C 62 1.34 9.23 -21.01
C GLY C 62 0.19 10.07 -20.48
N LEU C 63 -1.02 9.52 -20.50
CA LEU C 63 -2.16 10.23 -19.94
C LEU C 63 -2.10 10.23 -18.42
N VAL C 64 -1.68 9.11 -17.83
CA VAL C 64 -1.67 9.01 -16.37
C VAL C 64 -0.57 9.88 -15.79
N GLU C 65 0.63 9.82 -16.37
CA GLU C 65 1.74 10.60 -15.83
C GLU C 65 1.60 12.08 -16.11
N ALA C 66 1.12 12.45 -17.31
CA ALA C 66 1.05 13.86 -17.66
C ALA C 66 0.31 14.65 -16.59
N ALA C 67 -0.90 14.23 -16.25
CA ALA C 67 -1.63 14.91 -15.19
C ALA C 67 -0.77 15.06 -13.95
N TYR C 68 -0.16 13.96 -13.48
CA TYR C 68 0.72 14.05 -12.33
C TYR C 68 1.74 15.16 -12.52
N PHE C 69 2.46 15.15 -13.64
CA PHE C 69 3.48 16.16 -13.85
C PHE C 69 2.88 17.55 -13.93
N ILE C 70 1.70 17.69 -14.55
CA ILE C 70 1.04 18.99 -14.53
C ILE C 70 0.84 19.42 -13.08
N ASN C 71 0.29 18.53 -12.26
CA ASN C 71 0.17 18.84 -10.84
C ASN C 71 1.51 19.26 -10.27
N LEU C 72 2.56 18.49 -10.58
CA LEU C 72 3.89 18.84 -10.07
C LEU C 72 4.20 20.29 -10.40
N ALA C 73 4.03 20.68 -11.67
CA ALA C 73 4.31 22.06 -12.04
C ALA C 73 3.55 23.02 -11.16
N PHE C 74 2.23 22.82 -11.05
CA PHE C 74 1.44 23.74 -10.24
C PHE C 74 1.89 23.73 -8.79
N MET C 75 2.28 22.56 -8.27
CA MET C 75 2.76 22.54 -6.90
C MET C 75 3.96 23.46 -6.75
N ALA C 76 4.89 23.41 -7.70
CA ALA C 76 6.01 24.34 -7.67
C ALA C 76 5.50 25.77 -7.63
N LEU C 77 4.52 26.10 -8.49
CA LEU C 77 3.94 27.43 -8.47
C LEU C 77 3.38 27.77 -7.10
N PHE C 78 2.75 26.79 -6.45
CA PHE C 78 2.22 27.04 -5.11
C PHE C 78 3.35 27.32 -4.12
N VAL C 79 4.47 26.62 -4.26
CA VAL C 79 5.48 26.61 -3.21
C VAL C 79 6.58 27.62 -3.48
N PHE C 80 7.04 27.75 -4.73
CA PHE C 80 8.19 28.58 -5.03
C PHE C 80 7.81 29.99 -5.44
N ALA C 81 6.73 30.16 -6.20
CA ALA C 81 6.20 31.48 -6.55
C ALA C 81 4.74 31.49 -6.09
N THR C 82 4.53 31.78 -4.82
CA THR C 82 3.20 31.62 -4.24
C THR C 82 2.26 32.71 -4.73
N PRO C 83 1.18 32.38 -5.43
CA PRO C 83 0.22 33.43 -5.81
C PRO C 83 -0.38 34.08 -4.58
N GLY C 84 -0.58 35.39 -4.66
CA GLY C 84 -1.18 36.14 -3.57
C GLY C 84 -0.27 36.40 -2.39
N LEU C 85 1.01 36.02 -2.48
CA LEU C 85 1.94 36.28 -1.38
C LEU C 85 2.21 37.78 -1.29
N GLN C 86 2.12 38.32 -0.08
CA GLN C 86 2.30 39.75 0.13
C GLN C 86 3.36 40.01 1.21
N LEU D 3 -2.97 40.11 11.88
CA LEU D 3 -3.56 39.15 10.96
C LEU D 3 -4.35 39.85 9.87
N ASP D 4 -3.73 40.03 8.71
CA ASP D 4 -4.40 40.66 7.58
C ASP D 4 -5.51 39.75 7.07
N PRO D 5 -6.73 40.25 6.88
CA PRO D 5 -7.78 39.40 6.31
C PRO D 5 -7.38 38.77 4.99
N ASN D 6 -6.69 39.52 4.15
CA ASN D 6 -6.22 38.97 2.88
C ASN D 6 -5.32 37.77 3.08
N ALA D 7 -4.52 37.77 4.15
CA ALA D 7 -3.62 36.64 4.39
C ALA D 7 -4.42 35.36 4.65
N ILE D 8 -5.39 35.43 5.55
CA ILE D 8 -6.20 34.25 5.86
C ILE D 8 -6.98 33.81 4.63
N ILE D 9 -7.55 34.77 3.89
CA ILE D 9 -8.32 34.41 2.71
C ILE D 9 -7.42 33.72 1.69
N THR D 10 -6.21 34.23 1.50
CA THR D 10 -5.29 33.63 0.54
C THR D 10 -4.86 32.24 0.98
N ALA D 11 -4.63 32.04 2.28
CA ALA D 11 -4.27 30.72 2.77
C ALA D 11 -5.40 29.73 2.52
N GLY D 12 -6.63 30.13 2.82
CA GLY D 12 -7.77 29.26 2.56
C GLY D 12 -7.93 28.97 1.09
N ALA D 13 -7.72 29.98 0.24
CA ALA D 13 -7.84 29.79 -1.19
C ALA D 13 -6.77 28.83 -1.70
N LEU D 14 -5.55 28.95 -1.19
CA LEU D 14 -4.49 28.03 -1.59
C LEU D 14 -4.81 26.61 -1.17
N ILE D 15 -5.33 26.42 0.05
CA ILE D 15 -5.71 25.09 0.48
C ILE D 15 -6.83 24.54 -0.39
N GLY D 16 -7.80 25.37 -0.73
CA GLY D 16 -8.89 24.92 -1.60
C GLY D 16 -8.42 24.54 -2.99
N GLY D 17 -7.52 25.34 -3.56
CA GLY D 17 -6.96 24.99 -4.85
C GLY D 17 -6.16 23.71 -4.81
N GLY D 18 -5.41 23.50 -3.73
CA GLY D 18 -4.71 22.24 -3.55
C GLY D 18 -5.66 21.07 -3.47
N LEU D 19 -6.77 21.24 -2.77
CA LEU D 19 -7.78 20.19 -2.70
C LEU D 19 -8.35 19.91 -4.09
N ILE D 20 -8.63 20.97 -4.85
CA ILE D 20 -9.21 20.80 -6.18
C ILE D 20 -8.25 20.01 -7.07
N MET D 21 -6.96 20.38 -7.05
CA MET D 21 -5.98 19.63 -7.82
C MET D 21 -5.85 18.19 -7.33
N GLY D 22 -5.85 17.97 -6.03
CA GLY D 22 -5.72 16.62 -5.53
C GLY D 22 -6.85 15.74 -6.05
N GLY D 23 -8.09 16.23 -5.91
CA GLY D 23 -9.22 15.46 -6.40
C GLY D 23 -9.19 15.27 -7.91
N GLY D 24 -8.89 16.34 -8.65
CA GLY D 24 -8.87 16.23 -10.10
C GLY D 24 -7.80 15.28 -10.58
N ALA D 25 -6.61 15.34 -10.00
CA ALA D 25 -5.54 14.44 -10.39
C ALA D 25 -5.86 13.00 -10.04
N ILE D 26 -6.44 12.77 -8.85
CA ILE D 26 -6.84 11.41 -8.50
C ILE D 26 -7.82 10.88 -9.53
N GLY D 27 -8.87 11.65 -9.80
CA GLY D 27 -9.87 11.19 -10.75
C GLY D 27 -9.31 10.96 -12.13
N ALA D 28 -8.54 11.92 -12.64
CA ALA D 28 -7.98 11.82 -13.98
C ALA D 28 -7.06 10.61 -14.08
N GLY D 29 -6.11 10.47 -13.14
CA GLY D 29 -5.19 9.36 -13.21
C GLY D 29 -5.89 8.02 -13.16
N ILE D 30 -6.81 7.85 -12.20
CA ILE D 30 -7.44 6.55 -12.05
C ILE D 30 -8.36 6.25 -13.23
N GLY D 31 -9.13 7.24 -13.69
CA GLY D 31 -10.01 7.00 -14.82
C GLY D 31 -9.25 6.70 -16.09
N ASP D 32 -8.19 7.46 -16.35
CA ASP D 32 -7.37 7.19 -17.53
C ASP D 32 -6.70 5.83 -17.44
N GLY D 33 -6.26 5.44 -16.24
CA GLY D 33 -5.69 4.11 -16.08
C GLY D 33 -6.70 3.02 -16.37
N ILE D 34 -7.94 3.20 -15.89
CA ILE D 34 -8.97 2.19 -16.13
C ILE D 34 -9.31 2.11 -17.61
N ALA D 35 -9.47 3.27 -18.26
CA ALA D 35 -9.77 3.28 -19.69
C ALA D 35 -8.63 2.66 -20.49
N GLY D 36 -7.38 2.96 -20.11
CA GLY D 36 -6.25 2.36 -20.79
C GLY D 36 -6.15 0.87 -20.55
N ASN D 37 -6.53 0.41 -19.37
CA ASN D 37 -6.61 -1.03 -19.13
C ASN D 37 -7.61 -1.67 -20.10
N ALA D 38 -8.76 -1.02 -20.25
CA ALA D 38 -9.75 -1.52 -21.20
C ALA D 38 -9.18 -1.57 -22.62
N LEU D 39 -8.50 -0.50 -23.03
CA LEU D 39 -7.97 -0.43 -24.38
C LEU D 39 -6.89 -1.49 -24.61
N ILE D 40 -5.98 -1.63 -23.65
CA ILE D 40 -4.90 -2.60 -23.79
C ILE D 40 -5.47 -4.00 -23.85
N SER D 41 -6.43 -4.32 -22.98
CA SER D 41 -7.06 -5.64 -23.03
C SER D 41 -7.74 -5.86 -24.37
N GLY D 42 -8.53 -4.90 -24.83
CA GLY D 42 -9.22 -5.07 -26.09
C GLY D 42 -8.27 -5.30 -27.25
N ILE D 43 -7.16 -4.57 -27.28
CA ILE D 43 -6.17 -4.78 -28.33
C ILE D 43 -5.53 -6.15 -28.19
N ALA D 44 -5.31 -6.61 -26.95
CA ALA D 44 -4.70 -7.92 -26.75
C ALA D 44 -5.60 -9.03 -27.26
N ARG D 45 -6.90 -8.96 -26.96
CA ARG D 45 -7.80 -10.02 -27.42
C ARG D 45 -7.82 -10.13 -28.94
N GLN D 46 -7.87 -8.99 -29.63
CA GLN D 46 -7.82 -9.00 -31.09
C GLN D 46 -7.08 -7.77 -31.61
N PRO D 47 -5.96 -7.94 -32.33
CA PRO D 47 -5.19 -6.77 -32.78
C PRO D 47 -5.98 -5.84 -33.69
N GLU D 48 -6.83 -6.39 -34.57
CA GLU D 48 -7.44 -5.58 -35.61
C GLU D 48 -8.49 -4.63 -35.07
N ALA D 49 -9.05 -4.90 -33.88
CA ALA D 49 -10.04 -4.00 -33.31
C ALA D 49 -9.43 -2.66 -32.90
N GLN D 50 -8.11 -2.58 -32.81
CA GLN D 50 -7.44 -1.34 -32.38
C GLN D 50 -8.09 -0.12 -32.99
N GLY D 51 -8.19 -0.09 -34.32
CA GLY D 51 -8.68 1.11 -34.99
C GLY D 51 -10.04 1.55 -34.48
N ARG D 52 -10.96 0.61 -34.28
CA ARG D 52 -12.27 0.98 -33.77
C ARG D 52 -12.22 1.32 -32.29
N LEU D 53 -11.38 0.61 -31.53
CA LEU D 53 -11.40 0.77 -30.08
C LEU D 53 -11.04 2.20 -29.68
N PHE D 54 -10.21 2.87 -30.47
CA PHE D 54 -9.81 4.23 -30.12
C PHE D 54 -10.98 5.21 -30.17
N THR D 55 -12.09 4.85 -30.84
CA THR D 55 -13.24 5.76 -30.85
C THR D 55 -13.86 5.88 -29.47
N PRO D 56 -14.39 4.82 -28.86
CA PRO D 56 -14.91 4.97 -27.49
C PRO D 56 -13.84 5.44 -26.50
N PHE D 57 -12.60 4.98 -26.66
CA PHE D 57 -11.54 5.38 -25.74
C PHE D 57 -11.42 6.89 -25.67
N PHE D 58 -11.30 7.55 -26.83
CA PHE D 58 -11.21 9.00 -26.84
C PHE D 58 -12.40 9.63 -26.15
N ILE D 59 -13.57 9.02 -26.25
CA ILE D 59 -14.74 9.54 -25.53
C ILE D 59 -14.50 9.44 -24.03
N THR D 60 -14.11 8.25 -23.56
CA THR D 60 -13.90 8.07 -22.13
C THR D 60 -12.88 9.06 -21.59
N VAL D 61 -11.71 9.12 -22.22
CA VAL D 61 -10.70 10.09 -21.80
C VAL D 61 -11.29 11.49 -21.85
N GLY D 62 -12.07 11.79 -22.89
CA GLY D 62 -12.69 13.09 -22.98
C GLY D 62 -13.57 13.39 -21.79
N LEU D 63 -14.33 12.39 -21.33
CA LEU D 63 -15.18 12.58 -20.16
C LEU D 63 -14.39 12.62 -18.88
N VAL D 64 -13.13 12.19 -18.88
CA VAL D 64 -12.30 12.18 -17.69
C VAL D 64 -11.47 13.45 -17.65
N GLU D 65 -10.63 13.65 -18.69
CA GLU D 65 -9.75 14.80 -18.72
C GLU D 65 -10.54 16.10 -18.57
N ALA D 66 -11.72 16.17 -19.19
CA ALA D 66 -12.56 17.36 -19.03
C ALA D 66 -12.79 17.65 -17.55
N ALA D 67 -13.26 16.65 -16.80
CA ALA D 67 -13.47 16.84 -15.37
C ALA D 67 -12.21 17.34 -14.70
N TYR D 68 -11.05 16.84 -15.14
CA TYR D 68 -9.79 17.36 -14.63
C TYR D 68 -9.60 18.82 -15.01
N PHE D 69 -9.69 19.12 -16.31
CA PHE D 69 -9.33 20.45 -16.77
C PHE D 69 -10.27 21.50 -16.21
N ILE D 70 -11.56 21.19 -16.11
CA ILE D 70 -12.48 22.11 -15.46
C ILE D 70 -11.97 22.44 -14.07
N ASN D 71 -11.61 21.40 -13.30
CA ASN D 71 -11.03 21.63 -11.98
C ASN D 71 -9.86 22.60 -12.09
N LEU D 72 -8.95 22.35 -13.02
CA LEU D 72 -7.81 23.24 -13.19
C LEU D 72 -8.27 24.68 -13.34
N ALA D 73 -9.22 24.92 -14.25
CA ALA D 73 -9.72 26.27 -14.44
C ALA D 73 -10.13 26.89 -13.12
N PHE D 74 -10.92 26.15 -12.33
CA PHE D 74 -11.42 26.73 -11.10
C PHE D 74 -10.30 26.99 -10.10
N MET D 75 -9.26 26.17 -10.09
CA MET D 75 -8.12 26.49 -9.23
C MET D 75 -7.60 27.88 -9.55
N ALA D 76 -7.51 28.23 -10.82
CA ALA D 76 -7.07 29.57 -11.17
C ALA D 76 -7.92 30.59 -10.43
N LEU D 77 -9.25 30.44 -10.53
CA LEU D 77 -10.14 31.35 -9.83
C LEU D 77 -9.81 31.39 -8.35
N PHE D 78 -9.55 30.23 -7.76
CA PHE D 78 -9.23 30.21 -6.33
C PHE D 78 -7.92 30.93 -6.03
N VAL D 79 -6.91 30.75 -6.87
CA VAL D 79 -5.54 31.12 -6.51
C VAL D 79 -5.15 32.46 -7.11
N PHE D 80 -5.58 32.75 -8.33
CA PHE D 80 -5.14 33.97 -9.02
C PHE D 80 -6.14 35.12 -8.87
N ALA D 81 -7.44 34.85 -8.88
CA ALA D 81 -8.46 35.86 -8.62
C ALA D 81 -9.39 35.30 -7.57
N THR D 82 -9.02 35.43 -6.31
CA THR D 82 -9.73 34.76 -5.24
C THR D 82 -11.09 35.42 -5.02
N PRO D 83 -12.19 34.68 -5.17
CA PRO D 83 -13.51 35.29 -4.89
C PRO D 83 -13.61 35.72 -3.44
N GLY D 84 -14.25 36.86 -3.21
CA GLY D 84 -14.39 37.38 -1.87
C GLY D 84 -13.07 37.68 -1.20
N LEU D 85 -12.07 38.10 -1.97
CA LEU D 85 -10.75 38.35 -1.41
C LEU D 85 -10.76 39.46 -0.37
N GLN D 86 -11.74 40.36 -0.43
CA GLN D 86 -11.86 41.42 0.56
C GLN D 86 -10.58 42.24 0.63
N LEU E 3 -10.02 39.81 14.70
CA LEU E 3 -9.88 39.93 13.25
C LEU E 3 -11.25 39.95 12.59
N ASP E 4 -11.26 40.17 11.28
CA ASP E 4 -12.51 40.28 10.54
C ASP E 4 -13.22 38.95 10.48
N PRO E 5 -14.47 38.84 10.94
CA PRO E 5 -15.18 37.56 10.80
C PRO E 5 -15.31 37.11 9.36
N ASN E 6 -15.50 38.06 8.44
CA ASN E 6 -15.67 37.72 7.03
C ASN E 6 -14.46 36.96 6.52
N ALA E 7 -13.26 37.30 7.00
CA ALA E 7 -12.07 36.60 6.55
C ALA E 7 -12.13 35.12 6.91
N ILE E 8 -12.48 34.81 8.16
CA ILE E 8 -12.56 33.42 8.59
C ILE E 8 -13.65 32.70 7.83
N ILE E 9 -14.81 33.34 7.66
CA ILE E 9 -15.91 32.69 6.96
C ILE E 9 -15.53 32.40 5.51
N THR E 10 -14.87 33.35 4.86
CA THR E 10 -14.47 33.16 3.48
C THR E 10 -13.41 32.08 3.34
N ALA E 11 -12.46 32.02 4.28
CA ALA E 11 -11.47 30.95 4.23
C ALA E 11 -12.14 29.59 4.39
N GLY E 12 -13.06 29.46 5.34
CA GLY E 12 -13.79 28.21 5.49
C GLY E 12 -14.59 27.86 4.25
N ALA E 13 -15.23 28.86 3.64
CA ALA E 13 -16.00 28.60 2.44
C ALA E 13 -15.12 28.15 1.30
N LEU E 14 -13.95 28.76 1.14
CA LEU E 14 -13.04 28.35 0.07
C LEU E 14 -12.54 26.93 0.30
N ILE E 15 -12.22 26.58 1.54
CA ILE E 15 -11.79 25.22 1.83
C ILE E 15 -12.92 24.24 1.54
N GLY E 16 -14.15 24.58 1.93
CA GLY E 16 -15.27 23.70 1.68
C GLY E 16 -15.55 23.53 0.19
N GLY E 17 -15.47 24.61 -0.57
CA GLY E 17 -15.65 24.51 -2.01
C GLY E 17 -14.56 23.69 -2.67
N GLY E 18 -13.32 23.84 -2.20
CA GLY E 18 -12.25 23.00 -2.71
C GLY E 18 -12.51 21.55 -2.43
N LEU E 19 -12.99 21.23 -1.23
CA LEU E 19 -13.35 19.85 -0.92
C LEU E 19 -14.47 19.36 -1.83
N ILE E 20 -15.48 20.20 -2.06
CA ILE E 20 -16.59 19.83 -2.92
C ILE E 20 -16.08 19.47 -4.31
N MET E 21 -15.25 20.32 -4.89
CA MET E 21 -14.79 20.09 -6.25
C MET E 21 -13.82 18.92 -6.31
N GLY E 22 -12.98 18.75 -5.29
CA GLY E 22 -12.09 17.60 -5.29
C GLY E 22 -12.84 16.29 -5.26
N GLY E 23 -13.82 16.19 -4.36
CA GLY E 23 -14.63 14.98 -4.32
C GLY E 23 -15.41 14.76 -5.60
N GLY E 24 -15.99 15.82 -6.15
CA GLY E 24 -16.71 15.69 -7.40
C GLY E 24 -15.82 15.21 -8.52
N ALA E 25 -14.61 15.76 -8.62
CA ALA E 25 -13.68 15.35 -9.67
C ALA E 25 -13.26 13.90 -9.49
N ILE E 26 -12.98 13.48 -8.25
CA ILE E 26 -12.62 12.09 -8.02
C ILE E 26 -13.75 11.17 -8.49
N GLY E 27 -14.98 11.47 -8.04
CA GLY E 27 -16.10 10.62 -8.40
C GLY E 27 -16.34 10.59 -9.89
N ALA E 28 -16.35 11.77 -10.52
CA ALA E 28 -16.61 11.83 -11.95
C ALA E 28 -15.54 11.11 -12.74
N GLY E 29 -14.27 11.37 -12.44
CA GLY E 29 -13.21 10.73 -13.18
C GLY E 29 -13.25 9.22 -13.07
N ILE E 30 -13.39 8.71 -11.84
CA ILE E 30 -13.34 7.26 -11.67
C ILE E 30 -14.58 6.59 -12.25
N GLY E 31 -15.76 7.21 -12.07
CA GLY E 31 -16.97 6.64 -12.64
C GLY E 31 -16.95 6.63 -14.15
N ASP E 32 -16.52 7.74 -14.75
CA ASP E 32 -16.38 7.80 -16.20
C ASP E 32 -15.38 6.77 -16.69
N GLY E 33 -14.27 6.59 -15.96
CA GLY E 33 -13.30 5.58 -16.34
C GLY E 33 -13.90 4.19 -16.31
N ILE E 34 -14.66 3.87 -15.27
CA ILE E 34 -15.24 2.54 -15.15
C ILE E 34 -16.27 2.31 -16.26
N ALA E 35 -17.13 3.28 -16.51
CA ALA E 35 -18.13 3.14 -17.57
C ALA E 35 -17.45 3.01 -18.93
N GLY E 36 -16.40 3.79 -19.17
CA GLY E 36 -15.68 3.68 -20.43
C GLY E 36 -14.98 2.35 -20.57
N ASN E 37 -14.47 1.80 -19.46
CA ASN E 37 -13.92 0.46 -19.49
C ASN E 37 -14.97 -0.55 -19.95
N ALA E 38 -16.17 -0.47 -19.37
CA ALA E 38 -17.23 -1.37 -19.80
C ALA E 38 -17.53 -1.19 -21.28
N LEU E 39 -17.64 0.06 -21.74
CA LEU E 39 -17.96 0.31 -23.14
C LEU E 39 -16.88 -0.22 -24.07
N ILE E 40 -15.61 0.02 -23.74
CA ILE E 40 -14.52 -0.39 -24.59
C ILE E 40 -14.44 -1.91 -24.65
N SER E 41 -14.58 -2.58 -23.50
CA SER E 41 -14.58 -4.04 -23.51
C SER E 41 -15.73 -4.59 -24.34
N GLY E 42 -16.93 -4.00 -24.17
CA GLY E 42 -18.07 -4.48 -24.93
C GLY E 42 -17.89 -4.31 -26.44
N ILE E 43 -17.36 -3.16 -26.85
CA ILE E 43 -17.13 -2.94 -28.28
C ILE E 43 -16.05 -3.86 -28.80
N ALA E 44 -15.01 -4.12 -27.99
CA ALA E 44 -13.95 -5.03 -28.41
C ALA E 44 -14.50 -6.43 -28.62
N ARG E 45 -15.34 -6.90 -27.70
CA ARG E 45 -15.85 -8.26 -27.80
C ARG E 45 -16.82 -8.41 -28.98
N GLN E 46 -17.72 -7.44 -29.15
CA GLN E 46 -18.76 -7.52 -30.17
C GLN E 46 -18.83 -6.21 -30.94
N PRO E 47 -18.27 -6.12 -32.15
CA PRO E 47 -18.37 -4.86 -32.89
C PRO E 47 -19.80 -4.42 -33.15
N GLU E 48 -20.70 -5.37 -33.45
CA GLU E 48 -22.07 -5.00 -33.76
C GLU E 48 -22.73 -4.28 -32.60
N ALA E 49 -22.26 -4.49 -31.37
CA ALA E 49 -22.83 -3.85 -30.20
C ALA E 49 -22.48 -2.37 -30.11
N GLN E 50 -21.61 -1.87 -30.99
CA GLN E 50 -21.11 -0.50 -30.86
C GLN E 50 -22.26 0.49 -30.72
N GLY E 51 -23.26 0.39 -31.59
CA GLY E 51 -24.39 1.30 -31.50
C GLY E 51 -25.25 1.07 -30.28
N ARG E 52 -25.43 -0.20 -29.90
CA ARG E 52 -26.34 -0.52 -28.79
C ARG E 52 -25.77 -0.08 -27.46
N LEU E 53 -24.44 -0.15 -27.28
CA LEU E 53 -23.86 0.06 -25.97
C LEU E 53 -23.81 1.54 -25.59
N PHE E 54 -23.95 2.45 -26.55
CA PHE E 54 -23.94 3.86 -26.21
C PHE E 54 -25.11 4.23 -25.30
N THR E 55 -26.30 3.69 -25.56
CA THR E 55 -27.47 4.09 -24.78
C THR E 55 -27.27 3.83 -23.30
N PRO E 56 -26.85 2.63 -22.85
CA PRO E 56 -26.55 2.47 -21.42
C PRO E 56 -25.40 3.33 -20.96
N PHE E 57 -24.31 3.38 -21.72
CA PHE E 57 -23.14 4.15 -21.32
C PHE E 57 -23.53 5.59 -21.01
N PHE E 58 -24.22 6.26 -21.93
CA PHE E 58 -24.65 7.62 -21.67
C PHE E 58 -25.42 7.71 -20.36
N ILE E 59 -26.36 6.79 -20.14
CA ILE E 59 -27.12 6.82 -18.90
C ILE E 59 -26.17 6.81 -17.71
N THR E 60 -25.21 5.88 -17.72
CA THR E 60 -24.22 5.85 -16.66
C THR E 60 -23.54 7.20 -16.53
N VAL E 61 -23.04 7.72 -17.66
CA VAL E 61 -22.38 9.03 -17.63
C VAL E 61 -23.35 10.07 -17.09
N GLY E 62 -24.61 10.00 -17.50
CA GLY E 62 -25.58 10.96 -17.02
C GLY E 62 -25.68 10.95 -15.50
N LEU E 63 -25.60 9.77 -14.90
CA LEU E 63 -25.61 9.70 -13.44
C LEU E 63 -24.26 10.12 -12.86
N VAL E 64 -23.17 9.78 -13.54
CA VAL E 64 -21.85 10.11 -13.02
C VAL E 64 -21.59 11.61 -13.11
N GLU E 65 -21.92 12.22 -14.25
CA GLU E 65 -21.71 13.66 -14.40
C GLU E 65 -22.66 14.48 -13.55
N ALA E 66 -23.93 14.08 -13.50
CA ALA E 66 -24.92 14.93 -12.82
C ALA E 66 -24.48 15.26 -11.42
N ALA E 67 -24.16 14.24 -10.62
CA ALA E 67 -23.69 14.49 -9.26
C ALA E 67 -22.54 15.49 -9.27
N TYR E 68 -21.54 15.24 -10.11
CA TYR E 68 -20.42 16.17 -10.21
C TYR E 68 -20.91 17.59 -10.42
N PHE E 69 -21.77 17.80 -11.42
CA PHE E 69 -22.22 19.15 -11.70
C PHE E 69 -23.03 19.71 -10.54
N ILE E 70 -23.82 18.87 -9.87
CA ILE E 70 -24.49 19.35 -8.67
C ILE E 70 -23.45 19.88 -7.69
N ASN E 71 -22.41 19.09 -7.42
CA ASN E 71 -21.32 19.57 -6.60
C ASN E 71 -20.82 20.90 -7.10
N LEU E 72 -20.55 20.99 -8.40
CA LEU E 72 -20.06 22.24 -8.96
C LEU E 72 -20.97 23.40 -8.56
N ALA E 73 -22.28 23.24 -8.78
CA ALA E 73 -23.19 24.32 -8.41
C ALA E 73 -23.01 24.69 -6.95
N PHE E 74 -23.03 23.69 -6.06
CA PHE E 74 -22.91 24.00 -4.65
C PHE E 74 -21.58 24.68 -4.34
N MET E 75 -20.51 24.28 -5.02
CA MET E 75 -19.24 24.96 -4.80
C MET E 75 -19.38 26.45 -5.06
N ALA E 76 -20.05 26.81 -6.17
CA ALA E 76 -20.29 28.22 -6.44
C ALA E 76 -21.04 28.86 -5.29
N LEU E 77 -22.08 28.18 -4.78
CA LEU E 77 -22.81 28.71 -3.63
C LEU E 77 -21.87 28.98 -2.47
N PHE E 78 -20.91 28.08 -2.26
CA PHE E 78 -19.94 28.26 -1.18
C PHE E 78 -19.06 29.49 -1.44
N VAL E 79 -18.67 29.69 -2.70
CA VAL E 79 -17.60 30.64 -2.98
C VAL E 79 -18.13 32.02 -3.40
N PHE E 80 -19.32 32.08 -3.99
CA PHE E 80 -19.86 33.33 -4.50
C PHE E 80 -21.02 33.87 -3.69
N ALA E 81 -21.75 33.01 -2.98
CA ALA E 81 -22.87 33.42 -2.13
C ALA E 81 -22.78 32.72 -0.79
N THR E 82 -21.59 32.77 -0.19
CA THR E 82 -21.26 32.04 1.03
C THR E 82 -22.38 32.16 2.06
N PRO E 83 -23.08 31.06 2.37
CA PRO E 83 -24.07 31.12 3.45
C PRO E 83 -23.41 31.44 4.78
N GLY E 84 -24.12 32.21 5.61
CA GLY E 84 -23.63 32.59 6.90
C GLY E 84 -22.64 33.74 6.90
N LEU E 85 -22.34 34.31 5.74
CA LEU E 85 -21.41 35.43 5.69
C LEU E 85 -21.96 36.62 6.47
N GLN E 86 -21.08 37.28 7.20
CA GLN E 86 -21.47 38.41 8.03
C GLN E 86 -20.24 39.16 8.55
N LEU F 3 -13.27 38.68 18.14
CA LEU F 3 -13.50 37.55 17.26
C LEU F 3 -14.87 36.94 17.53
N ASP F 4 -15.74 36.99 16.54
CA ASP F 4 -17.12 36.52 16.70
C ASP F 4 -17.15 34.99 16.74
N PRO F 5 -17.69 34.37 17.78
CA PRO F 5 -17.78 32.89 17.78
C PRO F 5 -18.60 32.37 16.63
N ASN F 6 -19.63 33.10 16.21
CA ASN F 6 -20.43 32.66 15.07
C ASN F 6 -19.57 32.51 13.83
N ALA F 7 -18.52 33.31 13.70
CA ALA F 7 -17.64 33.18 12.54
C ALA F 7 -16.92 31.84 12.55
N ILE F 8 -16.39 31.44 13.71
CA ILE F 8 -15.73 30.15 13.80
C ILE F 8 -16.73 29.02 13.55
N ILE F 9 -17.93 29.14 14.10
CA ILE F 9 -18.94 28.10 13.89
C ILE F 9 -19.28 28.01 12.41
N THR F 10 -19.42 29.14 11.73
CA THR F 10 -19.75 29.14 10.31
C THR F 10 -18.62 28.53 9.49
N ALA F 11 -17.37 28.85 9.82
CA ALA F 11 -16.25 28.25 9.10
C ALA F 11 -16.22 26.74 9.28
N GLY F 12 -16.41 26.27 10.52
CA GLY F 12 -16.47 24.84 10.76
C GLY F 12 -17.62 24.19 10.03
N ALA F 13 -18.79 24.84 10.00
CA ALA F 13 -19.93 24.29 9.30
C ALA F 13 -19.68 24.21 7.80
N LEU F 14 -19.03 25.23 7.24
CA LEU F 14 -18.72 25.20 5.81
C LEU F 14 -17.74 24.08 5.50
N ILE F 15 -16.71 23.91 6.32
CA ILE F 15 -15.77 22.82 6.09
C ILE F 15 -16.46 21.48 6.20
N GLY F 16 -17.32 21.31 7.21
CA GLY F 16 -18.04 20.05 7.35
C GLY F 16 -18.98 19.77 6.19
N GLY F 17 -19.68 20.80 5.71
CA GLY F 17 -20.54 20.62 4.56
C GLY F 17 -19.76 20.27 3.31
N GLY F 18 -18.59 20.91 3.12
CA GLY F 18 -17.74 20.53 2.02
C GLY F 18 -17.29 19.09 2.11
N LEU F 19 -16.95 18.62 3.31
CA LEU F 19 -16.57 17.23 3.49
C LEU F 19 -17.73 16.30 3.15
N ILE F 20 -18.94 16.65 3.62
CA ILE F 20 -20.12 15.84 3.32
C ILE F 20 -20.31 15.74 1.81
N MET F 21 -20.25 16.88 1.14
CA MET F 21 -20.44 16.90 -0.32
C MET F 21 -19.36 16.11 -1.04
N GLY F 22 -18.10 16.24 -0.61
CA GLY F 22 -17.04 15.50 -1.26
C GLY F 22 -17.22 14.00 -1.11
N GLY F 23 -17.53 13.56 0.10
CA GLY F 23 -17.77 12.14 0.30
C GLY F 23 -18.95 11.63 -0.51
N GLY F 24 -20.05 12.39 -0.50
CA GLY F 24 -21.21 11.99 -1.27
C GLY F 24 -20.92 11.91 -2.75
N ALA F 25 -20.19 12.90 -3.27
CA ALA F 25 -19.87 12.91 -4.69
C ALA F 25 -18.98 11.73 -5.06
N ILE F 26 -17.96 11.46 -4.25
CA ILE F 26 -17.08 10.33 -4.54
C ILE F 26 -17.88 9.03 -4.54
N GLY F 27 -18.65 8.81 -3.49
CA GLY F 27 -19.44 7.58 -3.42
C GLY F 27 -20.40 7.45 -4.57
N ALA F 28 -21.16 8.51 -4.86
CA ALA F 28 -22.14 8.45 -5.93
C ALA F 28 -21.47 8.18 -7.27
N GLY F 29 -20.42 8.94 -7.59
CA GLY F 29 -19.77 8.75 -8.87
C GLY F 29 -19.23 7.34 -9.05
N ILE F 30 -18.50 6.84 -8.05
CA ILE F 30 -17.88 5.54 -8.22
C ILE F 30 -18.92 4.42 -8.23
N GLY F 31 -19.93 4.51 -7.35
CA GLY F 31 -20.96 3.49 -7.34
C GLY F 31 -21.78 3.47 -8.61
N ASP F 32 -22.15 4.66 -9.12
CA ASP F 32 -22.87 4.72 -10.39
C ASP F 32 -22.02 4.20 -11.52
N GLY F 33 -20.72 4.51 -11.52
CA GLY F 33 -19.85 3.96 -12.54
C GLY F 33 -19.79 2.45 -12.51
N ILE F 34 -19.68 1.87 -11.32
CA ILE F 34 -19.62 0.41 -11.20
C ILE F 34 -20.92 -0.23 -11.67
N ALA F 35 -22.05 0.33 -11.23
CA ALA F 35 -23.35 -0.21 -11.65
C ALA F 35 -23.54 -0.09 -13.15
N GLY F 36 -23.14 1.06 -13.72
CA GLY F 36 -23.25 1.23 -15.15
C GLY F 36 -22.34 0.30 -15.92
N ASN F 37 -21.16 0.02 -15.37
CA ASN F 37 -20.27 -0.96 -15.98
C ASN F 37 -20.95 -2.33 -16.03
N ALA F 38 -21.58 -2.72 -14.92
CA ALA F 38 -22.31 -3.98 -14.91
C ALA F 38 -23.42 -3.96 -15.96
N LEU F 39 -24.16 -2.86 -16.04
CA LEU F 39 -25.28 -2.78 -16.98
C LEU F 39 -24.79 -2.88 -18.42
N ILE F 40 -23.71 -2.16 -18.74
CA ILE F 40 -23.19 -2.17 -20.10
C ILE F 40 -22.67 -3.55 -20.46
N SER F 41 -21.93 -4.19 -19.56
CA SER F 41 -21.43 -5.53 -19.83
C SER F 41 -22.57 -6.52 -20.03
N GLY F 42 -23.61 -6.43 -19.18
CA GLY F 42 -24.74 -7.33 -19.33
C GLY F 42 -25.47 -7.13 -20.64
N ILE F 43 -25.67 -5.87 -21.03
CA ILE F 43 -26.37 -5.59 -22.27
C ILE F 43 -25.54 -6.06 -23.46
N ALA F 44 -24.21 -5.92 -23.38
CA ALA F 44 -23.35 -6.46 -24.42
C ALA F 44 -23.48 -7.96 -24.52
N ARG F 45 -23.48 -8.64 -23.37
CA ARG F 45 -23.50 -10.11 -23.36
C ARG F 45 -24.84 -10.64 -23.87
N GLN F 46 -25.94 -10.12 -23.31
CA GLN F 46 -27.29 -10.57 -23.66
C GLN F 46 -28.16 -9.36 -23.97
N PRO F 47 -28.14 -8.88 -25.21
CA PRO F 47 -28.99 -7.72 -25.55
C PRO F 47 -30.46 -7.96 -25.26
N GLU F 48 -30.96 -9.17 -25.46
CA GLU F 48 -32.37 -9.44 -25.23
C GLU F 48 -32.76 -9.21 -23.77
N ALA F 49 -31.79 -9.22 -22.86
CA ALA F 49 -32.04 -8.99 -21.45
C ALA F 49 -31.97 -7.52 -21.06
N GLN F 50 -31.77 -6.62 -22.03
CA GLN F 50 -31.58 -5.21 -21.71
C GLN F 50 -32.61 -4.72 -20.71
N GLY F 51 -33.90 -4.77 -21.08
CA GLY F 51 -34.92 -4.30 -20.17
C GLY F 51 -34.88 -5.02 -18.83
N ARG F 52 -34.67 -6.33 -18.86
CA ARG F 52 -34.60 -7.09 -17.62
C ARG F 52 -33.52 -6.54 -16.69
N LEU F 53 -32.42 -6.05 -17.25
CA LEU F 53 -31.33 -5.56 -16.41
C LEU F 53 -31.65 -4.20 -15.81
N PHE F 54 -32.60 -3.46 -16.39
CA PHE F 54 -32.86 -2.11 -15.89
C PHE F 54 -33.48 -2.14 -14.51
N THR F 55 -34.24 -3.19 -14.19
CA THR F 55 -34.85 -3.27 -12.87
C THR F 55 -33.80 -3.32 -11.76
N PRO F 56 -32.84 -4.25 -11.75
CA PRO F 56 -31.78 -4.18 -10.73
C PRO F 56 -30.96 -2.91 -10.83
N PHE F 57 -30.70 -2.42 -12.05
CA PHE F 57 -29.86 -1.24 -12.20
C PHE F 57 -30.48 -0.04 -11.51
N PHE F 58 -31.79 0.15 -11.65
CA PHE F 58 -32.47 1.23 -10.96
C PHE F 58 -32.52 1.03 -9.46
N ILE F 59 -32.39 -0.22 -8.99
CA ILE F 59 -32.31 -0.45 -7.55
C ILE F 59 -30.97 0.03 -7.02
N THR F 60 -29.88 -0.52 -7.59
CA THR F 60 -28.55 -0.13 -7.15
C THR F 60 -28.38 1.38 -7.20
N VAL F 61 -28.64 1.97 -8.37
CA VAL F 61 -28.57 3.43 -8.49
C VAL F 61 -29.48 4.07 -7.44
N GLY F 62 -30.71 3.58 -7.33
CA GLY F 62 -31.62 4.12 -6.34
C GLY F 62 -31.02 4.11 -4.95
N LEU F 63 -30.27 3.05 -4.62
CA LEU F 63 -29.55 3.04 -3.37
C LEU F 63 -28.46 4.09 -3.36
N VAL F 64 -27.54 4.02 -4.34
CA VAL F 64 -26.39 4.91 -4.34
C VAL F 64 -26.84 6.35 -4.22
N GLU F 65 -27.60 6.81 -5.22
CA GLU F 65 -28.06 8.20 -5.22
C GLU F 65 -28.74 8.54 -3.90
N ALA F 66 -29.52 7.62 -3.34
CA ALA F 66 -30.19 7.89 -2.08
C ALA F 66 -29.19 8.46 -1.08
N ALA F 67 -28.13 7.69 -0.78
CA ALA F 67 -27.14 8.19 0.16
C ALA F 67 -26.65 9.57 -0.24
N TYR F 68 -26.28 9.72 -1.51
CA TYR F 68 -25.80 11.01 -1.98
C TYR F 68 -26.79 12.11 -1.62
N PHE F 69 -28.06 11.92 -1.97
CA PHE F 69 -29.02 12.99 -1.73
C PHE F 69 -29.20 13.23 -0.25
N ILE F 70 -29.15 12.17 0.56
CA ILE F 70 -29.21 12.36 2.01
C ILE F 70 -28.10 13.32 2.44
N ASN F 71 -26.90 13.11 1.92
CA ASN F 71 -25.80 14.01 2.24
C ASN F 71 -26.19 15.45 1.92
N LEU F 72 -26.76 15.68 0.74
CA LEU F 72 -27.18 17.03 0.38
C LEU F 72 -28.01 17.63 1.50
N ALA F 73 -29.02 16.88 1.97
CA ALA F 73 -29.89 17.41 3.00
C ALA F 73 -29.08 17.93 4.17
N PHE F 74 -28.17 17.08 4.68
CA PHE F 74 -27.43 17.48 5.86
C PHE F 74 -26.49 18.64 5.54
N MET F 75 -25.94 18.68 4.32
CA MET F 75 -25.18 19.86 3.93
C MET F 75 -26.00 21.11 4.18
N ALA F 76 -27.24 21.13 3.72
CA ALA F 76 -28.10 22.27 3.99
C ALA F 76 -28.21 22.52 5.48
N LEU F 77 -28.54 21.47 6.24
CA LEU F 77 -28.64 21.62 7.69
C LEU F 77 -27.36 22.18 8.27
N PHE F 78 -26.22 21.85 7.65
CA PHE F 78 -24.94 22.35 8.16
C PHE F 78 -24.73 23.81 7.80
N VAL F 79 -25.13 24.23 6.61
CA VAL F 79 -24.77 25.53 6.10
C VAL F 79 -25.92 26.53 6.14
N PHE F 80 -27.17 26.09 6.25
CA PHE F 80 -28.32 26.98 6.31
C PHE F 80 -29.02 26.97 7.65
N ALA F 81 -28.84 25.92 8.45
CA ALA F 81 -29.38 25.83 9.80
C ALA F 81 -28.30 25.33 10.75
N THR F 82 -27.11 25.93 10.66
CA THR F 82 -25.92 25.47 11.35
C THR F 82 -26.24 25.15 12.82
N PRO F 83 -26.26 23.88 13.21
CA PRO F 83 -26.49 23.56 14.62
C PRO F 83 -25.39 24.13 15.50
N GLY F 84 -25.77 24.54 16.71
CA GLY F 84 -24.83 25.08 17.66
C GLY F 84 -24.52 26.55 17.50
N LEU F 85 -25.18 27.25 16.59
CA LEU F 85 -24.96 28.68 16.45
C LEU F 85 -25.27 29.39 17.75
N GLN F 86 -24.40 30.32 18.13
CA GLN F 86 -24.58 31.08 19.36
C GLN F 86 -25.72 32.08 19.22
N LEU G 3 -12.96 34.50 23.80
CA LEU G 3 -13.60 33.63 22.81
C LEU G 3 -14.32 32.48 23.49
N ASP G 4 -15.56 32.23 23.08
CA ASP G 4 -16.38 31.22 23.71
C ASP G 4 -15.80 29.84 23.45
N PRO G 5 -15.50 29.05 24.50
CA PRO G 5 -15.06 27.66 24.25
C PRO G 5 -16.08 26.86 23.46
N ASN G 6 -17.37 27.12 23.68
CA ASN G 6 -18.40 26.40 22.96
C ASN G 6 -18.27 26.61 21.45
N ALA G 7 -17.76 27.77 21.03
CA ALA G 7 -17.59 28.01 19.60
C ALA G 7 -16.56 27.06 19.01
N ILE G 8 -15.41 26.93 19.66
CA ILE G 8 -14.38 26.02 19.17
C ILE G 8 -14.88 24.59 19.21
N ILE G 9 -15.56 24.21 20.30
CA ILE G 9 -16.06 22.85 20.41
C ILE G 9 -17.07 22.57 19.30
N THR G 10 -17.93 23.55 18.99
CA THR G 10 -18.93 23.36 17.95
C THR G 10 -18.30 23.26 16.58
N ALA G 11 -17.26 24.06 16.32
CA ALA G 11 -16.55 23.94 15.06
C ALA G 11 -15.93 22.56 14.91
N GLY G 12 -15.29 22.07 15.98
CA GLY G 12 -14.72 20.73 15.94
C GLY G 12 -15.79 19.67 15.72
N ALA G 13 -16.94 19.82 16.39
CA ALA G 13 -18.02 18.86 16.23
C ALA G 13 -18.55 18.88 14.80
N LEU G 14 -18.69 20.06 14.20
CA LEU G 14 -19.17 20.15 12.83
C LEU G 14 -18.20 19.49 11.87
N ILE G 15 -16.90 19.73 12.05
CA ILE G 15 -15.91 19.08 11.18
C ILE G 15 -15.95 17.56 11.36
N GLY G 16 -16.07 17.11 12.61
CA GLY G 16 -16.14 15.68 12.86
C GLY G 16 -17.36 15.03 12.23
N GLY G 17 -18.51 15.70 12.34
CA GLY G 17 -19.72 15.19 11.69
C GLY G 17 -19.59 15.18 10.19
N GLY G 18 -18.94 16.21 9.62
CA GLY G 18 -18.69 16.20 8.20
C GLY G 18 -17.84 15.03 7.78
N LEU G 19 -16.78 14.75 8.54
CA LEU G 19 -15.94 13.58 8.23
C LEU G 19 -16.74 12.29 8.35
N ILE G 20 -17.56 12.18 9.39
CA ILE G 20 -18.37 10.98 9.59
C ILE G 20 -19.26 10.75 8.37
N MET G 21 -19.99 11.79 7.96
CA MET G 21 -20.90 11.64 6.85
C MET G 21 -20.17 11.39 5.54
N GLY G 22 -19.03 12.06 5.33
CA GLY G 22 -18.27 11.82 4.11
C GLY G 22 -17.82 10.38 3.99
N GLY G 23 -17.23 9.85 5.07
CA GLY G 23 -16.80 8.46 5.05
C GLY G 23 -17.97 7.50 4.88
N GLY G 24 -19.06 7.76 5.60
CA GLY G 24 -20.22 6.90 5.47
C GLY G 24 -20.79 6.90 4.07
N ALA G 25 -20.88 8.08 3.45
CA ALA G 25 -21.41 8.17 2.10
C ALA G 25 -20.50 7.48 1.10
N ILE G 26 -19.19 7.67 1.23
CA ILE G 26 -18.25 6.98 0.32
C ILE G 26 -18.44 5.47 0.44
N GLY G 27 -18.43 4.96 1.68
CA GLY G 27 -18.57 3.54 1.88
C GLY G 27 -19.88 3.00 1.35
N ALA G 28 -20.98 3.68 1.68
CA ALA G 28 -22.29 3.22 1.24
C ALA G 28 -22.38 3.21 -0.28
N GLY G 29 -21.96 4.32 -0.92
CA GLY G 29 -22.07 4.38 -2.37
C GLY G 29 -21.26 3.30 -3.04
N ILE G 30 -20.00 3.13 -2.64
CA ILE G 30 -19.15 2.18 -3.33
C ILE G 30 -19.58 0.75 -3.05
N GLY G 31 -19.94 0.44 -1.80
CA GLY G 31 -20.42 -0.90 -1.49
C GLY G 31 -21.71 -1.24 -2.21
N ASP G 32 -22.65 -0.28 -2.28
CA ASP G 32 -23.88 -0.50 -3.03
C ASP G 32 -23.58 -0.71 -4.50
N GLY G 33 -22.66 0.09 -5.05
CA GLY G 33 -22.30 -0.10 -6.45
C GLY G 33 -21.74 -1.49 -6.71
N ILE G 34 -20.89 -1.98 -5.82
CA ILE G 34 -20.28 -3.29 -6.02
C ILE G 34 -21.33 -4.39 -5.91
N ALA G 35 -22.17 -4.31 -4.87
CA ALA G 35 -23.22 -5.32 -4.71
C ALA G 35 -24.18 -5.31 -5.89
N GLY G 36 -24.55 -4.11 -6.36
CA GLY G 36 -25.42 -4.03 -7.52
C GLY G 36 -24.77 -4.52 -8.79
N ASN G 37 -23.47 -4.31 -8.94
CA ASN G 37 -22.75 -4.89 -10.06
C ASN G 37 -22.87 -6.41 -10.04
N ALA G 38 -22.67 -7.00 -8.86
CA ALA G 38 -22.83 -8.45 -8.74
C ALA G 38 -24.23 -8.87 -9.11
N LEU G 39 -25.23 -8.16 -8.61
CA LEU G 39 -26.63 -8.52 -8.88
C LEU G 39 -26.95 -8.42 -10.36
N ILE G 40 -26.52 -7.33 -11.00
CA ILE G 40 -26.80 -7.12 -12.42
C ILE G 40 -26.12 -8.19 -13.25
N SER G 41 -24.86 -8.51 -12.96
CA SER G 41 -24.17 -9.55 -13.72
C SER G 41 -24.87 -10.89 -13.54
N GLY G 42 -25.25 -11.22 -12.29
CA GLY G 42 -25.92 -12.49 -12.06
C GLY G 42 -27.23 -12.60 -12.81
N ILE G 43 -28.04 -11.54 -12.77
CA ILE G 43 -29.31 -11.56 -13.49
C ILE G 43 -29.08 -11.61 -14.99
N ALA G 44 -28.02 -10.96 -15.46
CA ALA G 44 -27.71 -11.00 -16.89
C ALA G 44 -27.38 -12.42 -17.34
N ARG G 45 -26.58 -13.15 -16.55
CA ARG G 45 -26.24 -14.51 -16.95
C ARG G 45 -27.42 -15.45 -16.78
N GLN G 46 -28.14 -15.36 -15.67
CA GLN G 46 -29.23 -16.28 -15.35
C GLN G 46 -30.47 -15.46 -14.97
N PRO G 47 -31.28 -15.06 -15.95
CA PRO G 47 -32.48 -14.27 -15.65
C PRO G 47 -33.32 -14.81 -14.50
N GLU G 48 -33.65 -16.11 -14.55
CA GLU G 48 -34.52 -16.68 -13.54
C GLU G 48 -33.96 -16.53 -12.13
N ALA G 49 -32.64 -16.32 -12.01
CA ALA G 49 -32.02 -16.18 -10.70
C ALA G 49 -32.43 -14.91 -9.99
N GLN G 50 -33.09 -13.97 -10.68
CA GLN G 50 -33.42 -12.69 -10.07
C GLN G 50 -33.99 -12.87 -8.67
N GLY G 51 -35.14 -13.54 -8.54
CA GLY G 51 -35.76 -13.69 -7.24
C GLY G 51 -34.84 -14.34 -6.23
N ARG G 52 -34.07 -15.34 -6.67
CA ARG G 52 -33.13 -15.99 -5.77
C ARG G 52 -32.05 -15.03 -5.30
N LEU G 53 -31.55 -14.17 -6.19
CA LEU G 53 -30.37 -13.38 -5.85
C LEU G 53 -30.70 -12.24 -4.89
N PHE G 54 -31.96 -11.86 -4.79
CA PHE G 54 -32.32 -10.73 -3.93
C PHE G 54 -32.03 -11.04 -2.47
N THR G 55 -31.99 -12.32 -2.11
CA THR G 55 -31.69 -12.68 -0.72
C THR G 55 -30.26 -12.30 -0.34
N PRO G 56 -29.21 -12.86 -0.94
CA PRO G 56 -27.86 -12.41 -0.58
C PRO G 56 -27.64 -10.93 -0.81
N PHE G 57 -28.22 -10.38 -1.87
CA PHE G 57 -28.04 -8.95 -2.15
C PHE G 57 -28.47 -8.11 -0.97
N PHE G 58 -29.68 -8.34 -0.45
CA PHE G 58 -30.14 -7.61 0.72
C PHE G 58 -29.27 -7.89 1.93
N ILE G 59 -28.66 -9.08 2.02
CA ILE G 59 -27.72 -9.33 3.10
C ILE G 59 -26.49 -8.43 2.96
N THR G 60 -26.08 -8.16 1.73
CA THR G 60 -24.94 -7.27 1.52
C THR G 60 -25.32 -5.82 1.80
N VAL G 61 -26.29 -5.30 1.04
CA VAL G 61 -26.69 -3.91 1.23
C VAL G 61 -27.11 -3.68 2.66
N GLY G 62 -27.85 -4.63 3.24
CA GLY G 62 -28.25 -4.48 4.63
C GLY G 62 -27.09 -4.21 5.55
N LEU G 63 -25.98 -4.91 5.35
CA LEU G 63 -24.77 -4.59 6.10
C LEU G 63 -24.27 -3.21 5.73
N VAL G 64 -24.08 -2.94 4.43
CA VAL G 64 -23.47 -1.69 3.99
C VAL G 64 -24.22 -0.51 4.60
N GLU G 65 -25.50 -0.38 4.24
CA GLU G 65 -26.30 0.72 4.78
C GLU G 65 -26.19 0.79 6.28
N ALA G 66 -26.24 -0.36 6.96
CA ALA G 66 -26.14 -0.35 8.41
C ALA G 66 -24.97 0.50 8.86
N ALA G 67 -23.77 0.18 8.38
CA ALA G 67 -22.60 0.97 8.76
C ALA G 67 -22.85 2.44 8.51
N TYR G 68 -23.28 2.78 7.29
CA TYR G 68 -23.58 4.17 6.98
C TYR G 68 -24.54 4.75 7.99
N PHE G 69 -25.67 4.07 8.20
CA PHE G 69 -26.66 4.63 9.11
C PHE G 69 -26.11 4.72 10.53
N ILE G 70 -25.27 3.77 10.93
CA ILE G 70 -24.63 3.90 12.24
C ILE G 70 -23.88 5.22 12.31
N ASN G 71 -23.05 5.48 11.31
CA ASN G 71 -22.35 6.77 11.24
C ASN G 71 -23.36 7.90 11.37
N LEU G 72 -24.46 7.81 10.63
CA LEU G 72 -25.47 8.87 10.68
C LEU G 72 -25.85 9.16 12.13
N ALA G 73 -26.18 8.11 12.88
CA ALA G 73 -26.57 8.32 14.26
C ALA G 73 -25.51 9.13 15.00
N PHE G 74 -24.26 8.70 14.91
CA PHE G 74 -23.20 9.39 15.65
C PHE G 74 -23.03 10.81 15.15
N MET G 75 -23.22 11.05 13.85
CA MET G 75 -23.17 12.42 13.36
C MET G 75 -24.11 13.29 14.18
N ALA G 76 -25.35 12.83 14.36
CA ALA G 76 -26.29 13.58 15.19
C ALA G 76 -25.69 13.83 16.56
N LEU G 77 -25.17 12.78 17.19
CA LEU G 77 -24.53 12.93 18.50
C LEU G 77 -23.46 14.01 18.44
N PHE G 78 -22.65 14.00 17.38
CA PHE G 78 -21.60 15.00 17.27
C PHE G 78 -22.19 16.40 17.15
N VAL G 79 -23.26 16.55 16.38
CA VAL G 79 -23.73 17.86 15.98
C VAL G 79 -24.90 18.37 16.83
N PHE G 80 -25.59 17.48 17.55
CA PHE G 80 -26.75 17.87 18.34
C PHE G 80 -26.55 17.74 19.83
N ALA G 81 -25.81 16.72 20.28
CA ALA G 81 -25.42 16.58 21.69
C ALA G 81 -23.91 16.39 21.71
N THR G 82 -23.18 17.49 21.65
CA THR G 82 -21.74 17.42 21.46
C THR G 82 -21.06 16.92 22.73
N PRO G 83 -20.35 15.80 22.69
CA PRO G 83 -19.63 15.36 23.88
C PRO G 83 -18.57 16.38 24.29
N GLY G 84 -18.42 16.55 25.60
CA GLY G 84 -17.45 17.48 26.14
C GLY G 84 -17.86 18.93 26.10
N LEU G 85 -19.00 19.25 25.50
CA LEU G 85 -19.44 20.63 25.42
C LEU G 85 -19.77 21.18 26.81
N GLN G 86 -19.34 22.40 27.07
CA GLN G 86 -19.63 23.07 28.34
C GLN G 86 -20.32 24.40 28.09
N LEU H 3 -7.93 31.25 25.91
CA LEU H 3 -8.74 30.10 25.52
C LEU H 3 -8.68 28.99 26.57
N ASP H 4 -9.76 28.23 26.67
CA ASP H 4 -9.80 27.10 27.58
C ASP H 4 -9.06 25.92 26.97
N PRO H 5 -8.04 25.37 27.63
CA PRO H 5 -7.37 24.18 27.07
C PRO H 5 -8.33 23.04 26.76
N ASN H 6 -9.33 22.83 27.62
CA ASN H 6 -10.31 21.79 27.37
C ASN H 6 -11.03 22.02 26.05
N ALA H 7 -11.24 23.27 25.67
CA ALA H 7 -11.91 23.55 24.39
C ALA H 7 -11.09 23.03 23.23
N ILE H 8 -9.80 23.35 23.20
CA ILE H 8 -8.93 22.89 22.13
C ILE H 8 -8.86 21.37 22.12
N ILE H 9 -8.70 20.76 23.29
CA ILE H 9 -8.56 19.32 23.35
C ILE H 9 -9.84 18.64 22.89
N THR H 10 -11.01 19.19 23.26
CA THR H 10 -12.27 18.61 22.85
C THR H 10 -12.49 18.76 21.36
N ALA H 11 -12.13 19.91 20.78
CA ALA H 11 -12.23 20.05 19.33
C ALA H 11 -11.35 19.05 18.61
N GLY H 12 -10.11 18.89 19.09
CA GLY H 12 -9.23 17.91 18.48
C GLY H 12 -9.76 16.49 18.62
N ALA H 13 -10.31 16.16 19.79
CA ALA H 13 -10.87 14.84 19.99
C ALA H 13 -12.05 14.59 19.07
N LEU H 14 -12.91 15.59 18.89
CA LEU H 14 -14.05 15.43 18.00
C LEU H 14 -13.59 15.24 16.56
N ILE H 15 -12.58 15.99 16.13
CA ILE H 15 -12.06 15.81 14.77
C ILE H 15 -11.47 14.43 14.61
N GLY H 16 -10.71 13.97 15.61
CA GLY H 16 -10.14 12.63 15.54
C GLY H 16 -11.18 11.54 15.49
N GLY H 17 -12.24 11.68 16.30
CA GLY H 17 -13.32 10.70 16.26
C GLY H 17 -14.06 10.72 14.94
N GLY H 18 -14.24 11.91 14.37
CA GLY H 18 -14.84 11.99 13.06
C GLY H 18 -13.99 11.28 12.01
N LEU H 19 -12.68 11.46 12.07
CA LEU H 19 -11.79 10.74 11.15
C LEU H 19 -11.90 9.23 11.37
N ILE H 20 -11.97 8.81 12.63
CA ILE H 20 -12.05 7.39 12.95
C ILE H 20 -13.31 6.78 12.33
N MET H 21 -14.46 7.44 12.54
CA MET H 21 -15.71 6.98 11.93
C MET H 21 -15.65 7.03 10.41
N GLY H 22 -15.07 8.08 9.83
CA GLY H 22 -15.03 8.16 8.39
C GLY H 22 -14.26 6.99 7.79
N GLY H 23 -13.07 6.73 8.32
CA GLY H 23 -12.28 5.61 7.83
C GLY H 23 -12.96 4.28 8.08
N GLY H 24 -13.50 4.09 9.28
CA GLY H 24 -14.18 2.84 9.58
C GLY H 24 -15.36 2.59 8.67
N ALA H 25 -16.15 3.63 8.41
CA ALA H 25 -17.30 3.50 7.52
C ALA H 25 -16.87 3.18 6.11
N ILE H 26 -15.85 3.88 5.60
CA ILE H 26 -15.38 3.58 4.25
C ILE H 26 -14.94 2.13 4.15
N GLY H 27 -14.10 1.70 5.10
CA GLY H 27 -13.59 0.34 5.05
C GLY H 27 -14.69 -0.70 5.17
N ALA H 28 -15.58 -0.52 6.15
CA ALA H 28 -16.64 -1.48 6.38
C ALA H 28 -17.56 -1.57 5.17
N GLY H 29 -18.00 -0.42 4.66
CA GLY H 29 -18.90 -0.43 3.51
C GLY H 29 -18.29 -1.10 2.32
N ILE H 30 -17.05 -0.73 1.97
CA ILE H 30 -16.46 -1.28 0.76
C ILE H 30 -16.15 -2.77 0.92
N GLY H 31 -15.63 -3.16 2.09
CA GLY H 31 -15.34 -4.57 2.31
C GLY H 31 -16.59 -5.44 2.30
N ASP H 32 -17.65 -4.98 2.96
CA ASP H 32 -18.91 -5.71 2.93
C ASP H 32 -19.46 -5.79 1.52
N GLY H 33 -19.37 -4.69 0.76
CA GLY H 33 -19.84 -4.72 -0.61
C GLY H 33 -19.07 -5.73 -1.45
N ILE H 34 -17.76 -5.80 -1.26
CA ILE H 34 -16.94 -6.72 -2.05
C ILE H 34 -17.24 -8.17 -1.68
N ALA H 35 -17.31 -8.46 -0.38
CA ALA H 35 -17.64 -9.81 0.05
C ALA H 35 -19.02 -10.22 -0.44
N GLY H 36 -19.99 -9.29 -0.37
CA GLY H 36 -21.32 -9.58 -0.87
C GLY H 36 -21.36 -9.77 -2.37
N ASN H 37 -20.53 -9.03 -3.10
CA ASN H 37 -20.43 -9.26 -4.54
C ASN H 37 -19.95 -10.68 -4.81
N ALA H 38 -18.94 -11.12 -4.07
CA ALA H 38 -18.47 -12.50 -4.22
C ALA H 38 -19.60 -13.49 -3.92
N LEU H 39 -20.32 -13.25 -2.83
CA LEU H 39 -21.40 -14.16 -2.44
C LEU H 39 -22.49 -14.20 -3.50
N ILE H 40 -22.89 -13.04 -4.02
CA ILE H 40 -23.95 -12.98 -5.02
C ILE H 40 -23.53 -13.69 -6.29
N SER H 41 -22.29 -13.46 -6.74
CA SER H 41 -21.81 -14.15 -7.92
C SER H 41 -21.79 -15.65 -7.71
N GLY H 42 -21.30 -16.10 -6.55
CA GLY H 42 -21.27 -17.52 -6.28
C GLY H 42 -22.64 -18.15 -6.28
N ILE H 43 -23.62 -17.47 -5.68
CA ILE H 43 -24.97 -18.01 -5.64
C ILE H 43 -25.59 -18.02 -7.02
N ALA H 44 -25.33 -16.98 -7.82
CA ALA H 44 -25.86 -16.95 -9.18
C ALA H 44 -25.29 -18.09 -10.02
N ARG H 45 -23.99 -18.36 -9.89
CA ARG H 45 -23.38 -19.44 -10.65
C ARG H 45 -23.95 -20.79 -10.25
N GLN H 46 -24.08 -21.02 -8.94
CA GLN H 46 -24.54 -22.31 -8.42
C GLN H 46 -25.58 -22.11 -7.35
N PRO H 47 -26.80 -22.65 -7.48
CA PRO H 47 -27.78 -22.53 -6.40
C PRO H 47 -27.35 -23.24 -5.12
N GLU H 48 -27.07 -24.55 -5.20
CA GLU H 48 -26.81 -25.34 -4.00
C GLU H 48 -25.62 -24.81 -3.24
N ALA H 49 -24.72 -24.07 -3.89
CA ALA H 49 -23.57 -23.51 -3.20
C ALA H 49 -23.95 -22.56 -2.08
N GLN H 50 -25.13 -21.94 -2.15
CA GLN H 50 -25.52 -20.93 -1.17
C GLN H 50 -25.14 -21.35 0.25
N GLY H 51 -25.63 -22.50 0.69
CA GLY H 51 -25.42 -22.89 2.08
C GLY H 51 -23.96 -22.93 2.46
N ARG H 52 -23.12 -23.48 1.58
CA ARG H 52 -21.71 -23.61 1.91
C ARG H 52 -20.95 -22.31 1.67
N LEU H 53 -21.55 -21.36 0.95
CA LEU H 53 -20.89 -20.08 0.75
C LEU H 53 -21.01 -19.18 1.97
N PHE H 54 -22.05 -19.35 2.77
CA PHE H 54 -22.30 -18.44 3.88
C PHE H 54 -21.18 -18.54 4.92
N THR H 55 -20.58 -19.71 5.07
CA THR H 55 -19.53 -19.86 6.08
C THR H 55 -18.33 -18.95 5.80
N PRO H 56 -17.69 -18.99 4.61
CA PRO H 56 -16.63 -18.02 4.35
C PRO H 56 -17.11 -16.58 4.41
N PHE H 57 -18.30 -16.31 3.88
CA PHE H 57 -18.83 -14.96 3.91
C PHE H 57 -18.85 -14.41 5.33
N PHE H 58 -19.45 -15.17 6.25
CA PHE H 58 -19.51 -14.73 7.64
C PHE H 58 -18.11 -14.51 8.21
N ILE H 59 -17.13 -15.27 7.75
CA ILE H 59 -15.76 -15.01 8.18
C ILE H 59 -15.31 -13.64 7.66
N THR H 60 -15.50 -13.39 6.37
CA THR H 60 -15.08 -12.12 5.80
C THR H 60 -15.80 -10.95 6.48
N VAL H 61 -17.13 -11.01 6.53
CA VAL H 61 -17.88 -9.98 7.23
C VAL H 61 -17.45 -9.91 8.69
N GLY H 62 -17.03 -11.04 9.27
CA GLY H 62 -16.53 -11.02 10.63
C GLY H 62 -15.24 -10.24 10.75
N LEU H 63 -14.34 -10.38 9.78
CA LEU H 63 -13.07 -9.67 9.83
C LEU H 63 -13.22 -8.20 9.46
N VAL H 64 -14.12 -7.89 8.53
CA VAL H 64 -14.35 -6.50 8.16
C VAL H 64 -15.01 -5.73 9.30
N GLU H 65 -16.21 -6.17 9.69
CA GLU H 65 -16.94 -5.45 10.73
C GLU H 65 -16.14 -5.32 12.00
N ALA H 66 -15.33 -6.32 12.33
CA ALA H 66 -14.47 -6.22 13.51
C ALA H 66 -13.65 -4.94 13.46
N ALA H 67 -12.94 -4.72 12.35
CA ALA H 67 -12.16 -3.50 12.22
C ALA H 67 -13.03 -2.28 12.44
N TYR H 68 -14.26 -2.31 11.91
CA TYR H 68 -15.18 -1.21 12.16
C TYR H 68 -15.45 -1.05 13.65
N PHE H 69 -15.88 -2.13 14.30
CA PHE H 69 -16.34 -2.02 15.68
C PHE H 69 -15.21 -1.83 16.67
N ILE H 70 -13.96 -2.05 16.26
CA ILE H 70 -12.84 -1.57 17.05
C ILE H 70 -12.76 -0.06 16.97
N ASN H 71 -12.78 0.49 15.75
CA ASN H 71 -12.74 1.94 15.59
C ASN H 71 -13.82 2.61 16.42
N LEU H 72 -15.05 2.14 16.28
CA LEU H 72 -16.15 2.60 17.11
C LEU H 72 -15.71 2.79 18.55
N ALA H 73 -15.21 1.72 19.16
CA ALA H 73 -14.82 1.79 20.58
C ALA H 73 -13.88 2.96 20.82
N PHE H 74 -12.80 3.04 20.02
CA PHE H 74 -11.83 4.10 20.26
C PHE H 74 -12.43 5.47 20.00
N MET H 75 -13.34 5.59 19.04
CA MET H 75 -14.03 6.87 18.87
C MET H 75 -14.79 7.22 20.14
N ALA H 76 -15.48 6.25 20.73
CA ALA H 76 -16.14 6.49 22.01
C ALA H 76 -15.12 6.92 23.05
N LEU H 77 -13.92 6.33 23.01
CA LEU H 77 -12.87 6.75 23.92
C LEU H 77 -12.45 8.18 23.63
N PHE H 78 -12.39 8.56 22.36
CA PHE H 78 -11.92 9.90 22.01
C PHE H 78 -12.88 10.97 22.50
N VAL H 79 -14.18 10.75 22.36
CA VAL H 79 -15.16 11.82 22.58
C VAL H 79 -15.85 11.75 23.93
N PHE H 80 -15.77 10.64 24.64
CA PHE H 80 -16.40 10.50 25.95
C PHE H 80 -15.41 10.51 27.11
N ALA H 81 -14.27 9.82 26.97
CA ALA H 81 -13.18 9.88 27.93
C ALA H 81 -11.93 10.25 27.15
N THR H 82 -11.75 11.53 26.91
CA THR H 82 -10.68 11.97 26.02
C THR H 82 -9.34 11.83 26.71
N PRO H 83 -8.39 11.07 26.16
CA PRO H 83 -7.06 11.02 26.77
C PRO H 83 -6.41 12.39 26.78
N GLY H 84 -5.71 12.69 27.87
CA GLY H 84 -4.99 13.94 27.98
C GLY H 84 -5.86 15.15 28.23
N LEU H 85 -7.14 14.96 28.53
CA LEU H 85 -8.03 16.09 28.77
C LEU H 85 -7.68 16.71 30.12
N GLN H 86 -6.92 17.80 30.07
CA GLN H 86 -6.51 18.50 31.29
C GLN H 86 -7.60 19.47 31.74
N LEU I 3 -2.47 30.39 26.73
CA LEU I 3 -2.85 29.17 26.04
C LEU I 3 -1.85 28.05 26.35
N ASP I 4 -2.35 26.97 26.92
CA ASP I 4 -1.47 25.88 27.35
C ASP I 4 -0.89 25.18 26.14
N PRO I 5 0.44 25.11 25.99
CA PRO I 5 1.01 24.38 24.86
C PRO I 5 0.61 22.91 24.84
N ASN I 6 0.50 22.29 26.01
CA ASN I 6 0.08 20.89 26.06
C ASN I 6 -1.29 20.71 25.43
N ALA I 7 -2.16 21.73 25.50
CA ALA I 7 -3.46 21.63 24.84
C ALA I 7 -3.29 21.48 23.33
N ILE I 8 -2.45 22.31 22.72
CA ILE I 8 -2.21 22.21 21.29
C ILE I 8 -1.59 20.88 20.94
N ILE I 9 -0.60 20.44 21.74
CA ILE I 9 0.06 19.17 21.45
C ILE I 9 -0.93 18.02 21.54
N THR I 10 -1.80 18.04 22.55
CA THR I 10 -2.76 16.96 22.72
C THR I 10 -3.81 16.97 21.62
N ALA I 11 -4.26 18.15 21.19
CA ALA I 11 -5.21 18.21 20.07
C ALA I 11 -4.57 17.65 18.81
N GLY I 12 -3.32 18.03 18.54
CA GLY I 12 -2.62 17.49 17.39
C GLY I 12 -2.45 15.99 17.48
N ALA I 13 -2.15 15.48 18.68
CA ALA I 13 -2.01 14.05 18.87
C ALA I 13 -3.32 13.33 18.61
N LEU I 14 -4.43 13.90 19.09
CA LEU I 14 -5.73 13.28 18.86
C LEU I 14 -6.07 13.26 17.38
N ILE I 15 -5.78 14.36 16.66
CA ILE I 15 -6.05 14.39 15.23
C ILE I 15 -5.18 13.36 14.51
N GLY I 16 -3.91 13.27 14.88
CA GLY I 16 -3.03 12.29 14.26
C GLY I 16 -3.47 10.87 14.51
N GLY I 17 -3.89 10.57 15.74
CA GLY I 17 -4.39 9.24 16.05
C GLY I 17 -5.67 8.93 15.30
N GLY I 18 -6.55 9.91 15.16
CA GLY I 18 -7.74 9.72 14.35
C GLY I 18 -7.39 9.41 12.91
N LEU I 19 -6.42 10.13 12.35
CA LEU I 19 -5.98 9.84 10.98
C LEU I 19 -5.41 8.43 10.89
N ILE I 20 -4.59 8.04 11.86
CA ILE I 20 -3.98 6.71 11.85
C ILE I 20 -5.06 5.64 11.86
N MET I 21 -6.05 5.80 12.74
CA MET I 21 -7.09 4.78 12.83
C MET I 21 -8.00 4.78 11.62
N GLY I 22 -8.28 5.95 11.04
CA GLY I 22 -9.07 5.97 9.82
C GLY I 22 -8.37 5.24 8.68
N GLY I 23 -7.08 5.54 8.49
CA GLY I 23 -6.34 4.84 7.45
C GLY I 23 -6.24 3.35 7.71
N GLY I 24 -5.98 2.97 8.95
CA GLY I 24 -5.90 1.56 9.28
C GLY I 24 -7.21 0.84 9.07
N ALA I 25 -8.32 1.47 9.44
CA ALA I 25 -9.62 0.87 9.24
C ALA I 25 -9.93 0.72 7.76
N ILE I 26 -9.66 1.75 6.96
CA ILE I 26 -9.89 1.64 5.52
C ILE I 26 -9.07 0.49 4.95
N GLY I 27 -7.78 0.46 5.26
CA GLY I 27 -6.94 -0.59 4.71
C GLY I 27 -7.38 -1.97 5.14
N ALA I 28 -7.63 -2.16 6.44
CA ALA I 28 -8.02 -3.47 6.93
C ALA I 28 -9.34 -3.90 6.32
N GLY I 29 -10.35 -3.02 6.33
CA GLY I 29 -11.65 -3.40 5.81
C GLY I 29 -11.59 -3.78 4.34
N ILE I 30 -10.94 -2.95 3.52
CA ILE I 30 -10.93 -3.21 2.09
C ILE I 30 -10.08 -4.44 1.77
N GLY I 31 -8.93 -4.57 2.42
CA GLY I 31 -8.09 -5.74 2.18
C GLY I 31 -8.78 -7.04 2.58
N ASP I 32 -9.39 -7.04 3.76
CA ASP I 32 -10.11 -8.22 4.20
C ASP I 32 -11.29 -8.52 3.28
N GLY I 33 -11.98 -7.48 2.81
CA GLY I 33 -13.07 -7.71 1.87
C GLY I 33 -12.60 -8.34 0.58
N ILE I 34 -11.48 -7.86 0.04
CA ILE I 34 -10.97 -8.41 -1.20
C ILE I 34 -10.50 -9.85 -1.02
N ALA I 35 -9.78 -10.12 0.08
CA ALA I 35 -9.35 -11.48 0.35
C ALA I 35 -10.53 -12.41 0.54
N GLY I 36 -11.56 -11.95 1.25
CA GLY I 36 -12.76 -12.75 1.42
C GLY I 36 -13.53 -12.95 0.13
N ASN I 37 -13.50 -11.97 -0.76
CA ASN I 37 -14.09 -12.15 -2.08
C ASN I 37 -13.38 -13.28 -2.82
N ALA I 38 -12.05 -13.28 -2.76
CA ALA I 38 -11.30 -14.37 -3.38
C ALA I 38 -11.66 -15.71 -2.76
N LEU I 39 -11.74 -15.75 -1.43
CA LEU I 39 -12.05 -16.99 -0.74
C LEU I 39 -13.44 -17.51 -1.10
N ILE I 40 -14.44 -16.61 -1.12
CA ILE I 40 -15.79 -17.01 -1.45
C ILE I 40 -15.87 -17.52 -2.88
N SER I 41 -15.24 -16.81 -3.81
CA SER I 41 -15.25 -17.26 -5.20
C SER I 41 -14.57 -18.61 -5.34
N GLY I 42 -13.45 -18.81 -4.64
CA GLY I 42 -12.77 -20.10 -4.72
C GLY I 42 -13.61 -21.22 -4.16
N ILE I 43 -14.22 -21.01 -3.01
CA ILE I 43 -15.06 -22.06 -2.42
C ILE I 43 -16.27 -22.33 -3.29
N ALA I 44 -16.79 -21.30 -3.97
CA ALA I 44 -17.88 -21.52 -4.91
C ALA I 44 -17.43 -22.36 -6.09
N ARG I 45 -16.24 -22.09 -6.61
CA ARG I 45 -15.78 -22.78 -7.80
C ARG I 45 -15.39 -24.23 -7.49
N GLN I 46 -14.43 -24.41 -6.58
CA GLN I 46 -13.90 -25.74 -6.24
C GLN I 46 -14.07 -25.95 -4.74
N PRO I 47 -15.22 -26.49 -4.32
CA PRO I 47 -15.46 -26.62 -2.87
C PRO I 47 -14.43 -27.47 -2.15
N GLU I 48 -13.96 -28.54 -2.79
CA GLU I 48 -13.06 -29.46 -2.11
C GLU I 48 -11.78 -28.77 -1.66
N ALA I 49 -11.36 -27.72 -2.36
CA ALA I 49 -10.15 -26.99 -2.01
C ALA I 49 -10.36 -26.03 -0.83
N GLN I 50 -11.48 -26.12 -0.13
CA GLN I 50 -11.72 -25.23 1.00
C GLN I 50 -10.57 -25.27 1.98
N GLY I 51 -10.19 -26.47 2.44
CA GLY I 51 -9.06 -26.57 3.33
C GLY I 51 -7.78 -26.03 2.71
N ARG I 52 -7.61 -26.23 1.41
CA ARG I 52 -6.46 -25.67 0.72
C ARG I 52 -6.54 -24.15 0.65
N LEU I 53 -7.75 -23.59 0.54
CA LEU I 53 -7.87 -22.15 0.35
C LEU I 53 -7.66 -21.37 1.64
N PHE I 54 -8.04 -21.94 2.78
CA PHE I 54 -7.90 -21.20 4.04
C PHE I 54 -6.45 -20.92 4.38
N THR I 55 -5.51 -21.68 3.83
CA THR I 55 -4.10 -21.41 4.11
C THR I 55 -3.69 -20.05 3.55
N PRO I 56 -3.72 -19.82 2.23
CA PRO I 56 -3.36 -18.48 1.73
C PRO I 56 -4.23 -17.37 2.30
N PHE I 57 -5.53 -17.62 2.46
CA PHE I 57 -6.42 -16.60 3.00
C PHE I 57 -5.93 -16.13 4.36
N PHE I 58 -5.70 -17.07 5.29
CA PHE I 58 -5.20 -16.69 6.60
C PHE I 58 -3.86 -15.98 6.50
N ILE I 59 -3.05 -16.30 5.50
CA ILE I 59 -1.83 -15.53 5.29
C ILE I 59 -2.17 -14.11 4.90
N THR I 60 -3.05 -13.94 3.90
CA THR I 60 -3.41 -12.60 3.46
C THR I 60 -3.95 -11.78 4.61
N VAL I 61 -4.95 -12.32 5.31
CA VAL I 61 -5.49 -11.62 6.48
C VAL I 61 -4.38 -11.31 7.46
N GLY I 62 -3.48 -12.27 7.69
CA GLY I 62 -2.37 -12.02 8.61
C GLY I 62 -1.54 -10.83 8.19
N LEU I 63 -1.32 -10.67 6.89
CA LEU I 63 -0.55 -9.53 6.42
C LEU I 63 -1.35 -8.24 6.48
N VAL I 64 -2.67 -8.33 6.45
CA VAL I 64 -3.50 -7.12 6.51
C VAL I 64 -3.67 -6.68 7.95
N GLU I 65 -4.28 -7.52 8.78
CA GLU I 65 -4.53 -7.15 10.17
C GLU I 65 -3.26 -6.64 10.84
N ALA I 66 -2.14 -7.30 10.59
CA ALA I 66 -0.87 -6.83 11.12
C ALA I 66 -0.74 -5.32 10.99
N ALA I 67 -0.78 -4.82 9.75
CA ALA I 67 -0.65 -3.39 9.54
C ALA I 67 -1.63 -2.63 10.41
N TYR I 68 -2.91 -3.02 10.34
CA TYR I 68 -3.93 -2.39 11.18
C TYR I 68 -3.45 -2.30 12.61
N PHE I 69 -3.10 -3.44 13.21
CA PHE I 69 -2.73 -3.44 14.61
C PHE I 69 -1.48 -2.60 14.85
N ILE I 70 -0.53 -2.63 13.91
CA ILE I 70 0.62 -1.75 14.05
C ILE I 70 0.15 -0.32 14.18
N ASN I 71 -0.72 0.12 13.26
CA ASN I 71 -1.31 1.45 13.37
C ASN I 71 -1.90 1.63 14.75
N LEU I 72 -2.70 0.66 15.20
CA LEU I 72 -3.30 0.76 16.51
C LEU I 72 -2.26 1.07 17.56
N ALA I 73 -1.18 0.31 17.58
CA ALA I 73 -0.14 0.54 18.57
C ALA I 73 0.30 1.99 18.55
N PHE I 74 0.66 2.50 17.36
CA PHE I 74 1.16 3.86 17.28
C PHE I 74 0.09 4.86 17.70
N MET I 75 -1.18 4.59 17.38
CA MET I 75 -2.23 5.48 17.86
C MET I 75 -2.25 5.50 19.38
N ALA I 76 -2.12 4.33 20.00
CA ALA I 76 -2.02 4.31 21.47
C ALA I 76 -0.84 5.13 21.95
N LEU I 77 0.26 5.14 21.19
CA LEU I 77 1.38 6.00 21.54
C LEU I 77 0.99 7.48 21.41
N PHE I 78 0.25 7.83 20.36
CA PHE I 78 -0.06 9.24 20.12
C PHE I 78 -0.94 9.80 21.23
N VAL I 79 -1.98 9.08 21.63
CA VAL I 79 -2.98 9.63 22.53
C VAL I 79 -2.68 9.39 24.01
N PHE I 80 -1.91 8.36 24.33
CA PHE I 80 -1.60 8.03 25.72
C PHE I 80 -0.17 8.36 26.12
N ALA I 81 0.76 8.35 25.19
CA ALA I 81 2.17 8.64 25.44
C ALA I 81 2.70 9.60 24.39
N THR I 82 1.95 10.68 24.16
CA THR I 82 2.22 11.64 23.09
C THR I 82 3.70 12.02 23.04
N PRO I 83 4.43 11.61 22.01
CA PRO I 83 5.82 12.06 21.88
C PRO I 83 5.89 13.57 21.74
N GLY I 84 6.92 14.16 22.33
CA GLY I 84 7.09 15.60 22.26
C GLY I 84 6.19 16.39 23.18
N LEU I 85 5.43 15.72 24.03
CA LEU I 85 4.57 16.43 24.97
C LEU I 85 5.42 17.19 25.98
N GLN I 86 4.97 18.40 26.32
CA GLN I 86 5.69 19.24 27.27
C GLN I 86 5.13 19.05 28.68
N ALA J 10 9.22 8.60 26.97
CA ALA J 10 10.37 7.73 27.17
C ALA J 10 10.35 6.57 26.18
N ILE J 11 10.71 6.85 24.93
CA ILE J 11 10.72 5.83 23.88
C ILE J 11 12.14 5.67 23.34
N HIS J 12 12.93 6.74 23.38
CA HIS J 12 14.34 6.70 23.00
C HIS J 12 14.53 6.05 21.64
N VAL J 13 13.96 6.69 20.61
CA VAL J 13 14.19 6.25 19.25
C VAL J 13 15.59 6.68 18.81
N GLY J 14 16.24 5.82 18.04
CA GLY J 14 17.64 6.02 17.71
C GLY J 14 18.51 5.87 18.94
N HIS J 15 19.31 6.88 19.25
CA HIS J 15 20.13 6.90 20.46
C HIS J 15 21.02 5.67 20.53
N HIS J 16 21.93 5.57 19.56
CA HIS J 16 22.87 4.45 19.53
C HIS J 16 23.80 4.50 20.74
N THR J 17 24.19 3.33 21.20
CA THR J 17 25.11 3.19 22.32
C THR J 17 26.49 2.79 21.81
N LEU J 18 27.48 2.85 22.71
CA LEU J 18 28.87 2.53 22.38
C LEU J 18 29.37 3.38 21.21
N VAL J 19 28.86 4.60 21.09
CA VAL J 19 29.29 5.48 20.00
C VAL J 19 30.70 5.99 20.29
N PHE J 20 31.57 5.88 19.29
CA PHE J 20 32.96 6.29 19.46
C PHE J 20 33.43 7.01 18.21
N GLU J 21 34.34 7.97 18.38
CA GLU J 21 34.91 8.70 17.27
C GLU J 21 36.28 8.14 16.91
N LEU J 22 36.63 8.26 15.64
CA LEU J 22 37.91 7.79 15.13
C LEU J 22 38.15 8.41 13.77
N PHE J 23 39.32 9.00 13.58
CA PHE J 23 39.66 9.68 12.34
C PHE J 23 38.62 10.74 11.99
N GLY J 24 38.12 11.43 13.03
CA GLY J 24 37.12 12.45 12.82
C GLY J 24 35.79 11.95 12.33
N MET J 25 35.54 10.64 12.41
CA MET J 25 34.29 10.04 11.99
C MET J 25 33.64 9.34 13.18
N THR J 26 32.34 9.55 13.35
CA THR J 26 31.61 8.86 14.39
C THR J 26 31.25 7.44 13.95
N PHE J 27 31.14 6.54 14.92
CA PHE J 27 30.77 5.16 14.65
C PHE J 27 29.84 4.69 15.75
N ASN J 28 28.81 3.95 15.37
CA ASN J 28 27.82 3.43 16.31
C ASN J 28 28.29 2.05 16.77
N GLY J 29 28.78 1.99 18.00
CA GLY J 29 29.35 0.74 18.49
C GLY J 29 28.37 -0.41 18.47
N ASP J 30 27.11 -0.14 18.83
CA ASP J 30 26.12 -1.21 18.87
C ASP J 30 25.87 -1.80 17.49
N THR J 31 25.79 -0.95 16.47
CA THR J 31 25.59 -1.45 15.11
C THR J 31 26.77 -2.28 14.65
N ILE J 32 27.99 -1.81 14.94
CA ILE J 32 29.18 -2.58 14.57
C ILE J 32 29.18 -3.92 15.28
N LEU J 33 28.84 -3.93 16.57
CA LEU J 33 28.84 -5.18 17.33
C LEU J 33 27.80 -6.15 16.78
N ALA J 34 26.61 -5.67 16.46
CA ALA J 34 25.58 -6.54 15.90
C ALA J 34 26.02 -7.10 14.55
N THR J 35 26.59 -6.24 13.70
CA THR J 35 27.06 -6.71 12.40
C THR J 35 28.18 -7.73 12.56
N ALA J 36 29.08 -7.51 13.51
CA ALA J 36 30.17 -8.45 13.75
C ALA J 36 29.64 -9.78 14.26
N VAL J 37 28.64 -9.76 15.14
CA VAL J 37 28.06 -11.01 15.62
C VAL J 37 27.40 -11.77 14.48
N THR J 38 26.67 -11.05 13.62
CA THR J 38 26.06 -11.70 12.46
C THR J 38 27.11 -12.29 11.55
N ALA J 39 28.20 -11.55 11.30
CA ALA J 39 29.26 -12.05 10.44
C ALA J 39 29.93 -13.26 11.06
N VAL J 40 30.10 -13.26 12.38
CA VAL J 40 30.70 -14.41 13.05
C VAL J 40 29.82 -15.63 12.90
N ILE J 41 28.51 -15.46 13.07
CA ILE J 41 27.60 -16.59 12.89
C ILE J 41 27.68 -17.11 11.46
N VAL J 42 27.68 -16.21 10.49
CA VAL J 42 27.69 -16.63 9.09
C VAL J 42 28.99 -17.34 8.76
N ILE J 43 30.12 -16.81 9.24
CA ILE J 43 31.42 -17.42 8.95
C ILE J 43 31.54 -18.77 9.64
N ALA J 44 31.00 -18.88 10.86
CA ALA J 44 30.99 -20.18 11.54
C ALA J 44 30.19 -21.20 10.75
N LEU J 45 29.03 -20.80 10.23
CA LEU J 45 28.25 -21.71 9.39
C LEU J 45 29.03 -22.10 8.14
N ALA J 46 29.68 -21.12 7.51
CA ALA J 46 30.42 -21.39 6.29
C ALA J 46 31.55 -22.38 6.53
N PHE J 47 32.32 -22.17 7.59
CA PHE J 47 33.44 -23.06 7.86
C PHE J 47 32.99 -24.40 8.43
N TYR J 48 31.81 -24.46 9.05
CA TYR J 48 31.28 -25.74 9.48
C TYR J 48 30.82 -26.56 8.27
N LEU J 49 30.26 -25.89 7.26
CA LEU J 49 30.01 -26.56 5.99
C LEU J 49 31.31 -27.02 5.35
N ARG J 50 32.33 -26.16 5.35
CA ARG J 50 33.60 -26.51 4.73
C ARG J 50 34.17 -27.79 5.33
N ALA J 51 33.90 -28.04 6.61
CA ALA J 51 34.40 -29.23 7.29
C ALA J 51 33.48 -30.43 7.17
N LYS J 52 32.28 -30.25 6.60
CA LYS J 52 31.33 -31.36 6.51
C LYS J 52 30.60 -31.36 5.16
N VAL J 53 31.24 -30.84 4.11
CA VAL J 53 30.65 -30.84 2.79
C VAL J 53 31.01 -32.16 2.11
N THR J 54 29.99 -32.94 1.78
CA THR J 54 30.18 -34.26 1.20
C THR J 54 29.15 -34.52 0.13
N SER J 55 29.60 -35.05 -1.01
CA SER J 55 28.71 -35.47 -2.09
C SER J 55 28.54 -36.98 -2.13
N THR J 56 29.35 -37.74 -1.39
CA THR J 56 29.30 -39.20 -1.39
C THR J 56 28.57 -39.76 -0.19
N GLY J 57 27.90 -38.92 0.59
CA GLY J 57 27.16 -39.37 1.75
C GLY J 57 25.94 -38.51 1.99
N VAL J 58 25.19 -38.85 3.01
CA VAL J 58 23.99 -38.07 3.35
C VAL J 58 24.42 -36.69 3.83
N PRO J 59 23.82 -35.61 3.34
CA PRO J 59 24.22 -34.28 3.79
C PRO J 59 23.76 -33.99 5.21
N SER J 60 24.47 -33.08 5.86
CA SER J 60 24.09 -32.62 7.17
C SER J 60 23.05 -31.50 7.05
N GLY J 61 22.58 -31.01 8.20
CA GLY J 61 21.59 -29.95 8.17
C GLY J 61 22.12 -28.66 7.58
N VAL J 62 23.35 -28.28 7.98
CA VAL J 62 23.93 -27.05 7.46
C VAL J 62 24.17 -27.15 5.96
N GLN J 63 24.65 -28.30 5.50
CA GLN J 63 24.84 -28.48 4.06
C GLN J 63 23.51 -28.36 3.33
N LEU J 64 22.45 -28.95 3.88
CA LEU J 64 21.14 -28.85 3.25
C LEU J 64 20.69 -27.40 3.18
N PHE J 65 20.85 -26.66 4.26
CA PHE J 65 20.45 -25.25 4.27
C PHE J 65 21.22 -24.45 3.23
N TRP J 66 22.55 -24.61 3.21
CA TRP J 66 23.37 -23.83 2.29
C TRP J 66 23.05 -24.18 0.84
N GLU J 67 22.87 -25.47 0.55
CA GLU J 67 22.60 -25.86 -0.83
C GLU J 67 21.19 -25.49 -1.25
N ALA J 68 20.24 -25.46 -0.32
CA ALA J 68 18.92 -24.93 -0.65
C ALA J 68 19.00 -23.45 -1.02
N LEU J 69 19.76 -22.67 -0.24
CA LEU J 69 19.95 -21.27 -0.58
C LEU J 69 20.58 -21.13 -1.96
N THR J 70 21.62 -21.91 -2.22
CA THR J 70 22.31 -21.82 -3.51
C THR J 70 21.37 -22.21 -4.65
N ILE J 71 20.57 -23.25 -4.46
CA ILE J 71 19.65 -23.68 -5.50
C ILE J 71 18.64 -22.59 -5.80
N GLN J 72 18.07 -21.98 -4.75
CA GLN J 72 17.08 -20.93 -4.97
C GLN J 72 17.70 -19.75 -5.73
N MET J 73 18.87 -19.29 -5.27
CA MET J 73 19.49 -18.13 -5.93
C MET J 73 19.89 -18.45 -7.36
N ARG J 74 20.43 -19.65 -7.60
CA ARG J 74 20.82 -20.03 -8.95
C ARG J 74 19.60 -20.14 -9.86
N GLN J 75 18.49 -20.66 -9.33
CA GLN J 75 17.28 -20.74 -10.14
C GLN J 75 16.79 -19.33 -10.51
N GLN J 76 16.80 -18.40 -9.55
CA GLN J 76 16.40 -17.04 -9.87
C GLN J 76 17.32 -16.44 -10.92
N ILE J 77 18.63 -16.63 -10.78
CA ILE J 77 19.56 -16.07 -11.76
C ILE J 77 19.29 -16.67 -13.15
N GLU J 78 19.24 -18.00 -13.23
CA GLU J 78 19.00 -18.65 -14.51
C GLU J 78 17.71 -18.17 -15.14
N GLY J 79 16.66 -17.99 -14.34
CA GLY J 79 15.42 -17.44 -14.86
C GLY J 79 15.60 -16.04 -15.42
N SER J 80 16.38 -15.21 -14.72
CA SER J 80 16.53 -13.81 -15.12
C SER J 80 17.69 -13.61 -16.09
N ILE J 81 18.91 -13.93 -15.65
CA ILE J 81 20.10 -13.77 -16.46
C ILE J 81 20.93 -15.04 -16.39
N GLY J 82 21.36 -15.54 -17.54
CA GLY J 82 22.08 -16.80 -17.58
C GLY J 82 23.26 -16.85 -16.64
N MET J 83 23.42 -17.97 -15.93
CA MET J 83 24.55 -18.10 -15.01
C MET J 83 25.88 -17.96 -15.71
N LYS J 84 25.95 -18.23 -17.02
CA LYS J 84 27.19 -18.03 -17.75
C LYS J 84 27.59 -16.55 -17.74
N ILE J 85 26.63 -15.66 -17.97
CA ILE J 85 26.94 -14.23 -18.04
C ILE J 85 27.30 -13.68 -16.67
N ALA J 86 26.52 -14.03 -15.65
CA ALA J 86 26.62 -13.43 -14.32
C ALA J 86 26.73 -14.51 -13.26
N PRO J 87 27.91 -15.10 -13.07
CA PRO J 87 28.08 -16.10 -12.00
C PRO J 87 28.22 -15.47 -10.63
N PHE J 88 28.91 -14.33 -10.55
CA PHE J 88 29.16 -13.69 -9.26
C PHE J 88 27.88 -13.31 -8.55
N VAL J 89 26.81 -13.04 -9.30
CA VAL J 89 25.55 -12.66 -8.69
C VAL J 89 25.09 -13.74 -7.73
N LEU J 90 25.43 -15.00 -7.99
CA LEU J 90 25.03 -16.08 -7.09
C LEU J 90 25.63 -15.91 -5.69
N PRO J 91 26.96 -15.87 -5.54
CA PRO J 91 27.50 -15.62 -4.20
C PRO J 91 27.07 -14.29 -3.61
N LEU J 92 26.93 -13.25 -4.44
CA LEU J 92 26.49 -11.97 -3.90
C LEU J 92 25.11 -12.09 -3.27
N SER J 93 24.16 -12.70 -3.98
CA SER J 93 22.81 -12.82 -3.46
C SER J 93 22.75 -13.77 -2.26
N VAL J 94 23.51 -14.86 -2.29
CA VAL J 94 23.52 -15.78 -1.15
C VAL J 94 24.04 -15.06 0.09
N THR J 95 25.14 -14.33 -0.06
CA THR J 95 25.69 -13.58 1.07
C THR J 95 24.67 -12.57 1.59
N ILE J 96 24.05 -11.81 0.69
CA ILE J 96 23.09 -10.80 1.11
C ILE J 96 21.96 -11.46 1.89
N PHE J 97 21.41 -12.53 1.35
CA PHE J 97 20.28 -13.19 1.99
C PHE J 97 20.65 -13.70 3.37
N VAL J 98 21.75 -14.45 3.48
CA VAL J 98 22.10 -15.04 4.77
C VAL J 98 22.43 -13.95 5.77
N PHE J 99 23.16 -12.92 5.35
CA PHE J 99 23.52 -11.82 6.24
C PHE J 99 22.26 -11.16 6.80
N ILE J 100 21.36 -10.73 5.93
CA ILE J 100 20.16 -10.03 6.39
C ILE J 100 19.32 -10.93 7.26
N LEU J 101 19.15 -12.20 6.86
CA LEU J 101 18.27 -13.10 7.59
C LEU J 101 18.81 -13.36 9.00
N ILE J 102 20.10 -13.66 9.12
CA ILE J 102 20.66 -13.91 10.45
C ILE J 102 20.59 -12.65 11.30
N SER J 103 20.93 -11.49 10.72
CA SER J 103 20.90 -10.26 11.49
C SER J 103 19.49 -9.97 12.01
N ASN J 104 18.48 -10.17 11.17
CA ASN J 104 17.11 -9.91 11.59
C ASN J 104 16.65 -10.92 12.63
N TRP J 105 16.97 -12.21 12.44
CA TRP J 105 16.46 -13.24 13.34
C TRP J 105 17.16 -13.24 14.69
N LEU J 106 18.38 -12.71 14.78
CA LEU J 106 19.03 -12.62 16.09
C LEU J 106 18.25 -11.76 17.06
N ALA J 107 17.37 -10.88 16.57
CA ALA J 107 16.60 -10.02 17.45
C ALA J 107 15.57 -10.78 18.26
N VAL J 108 15.19 -11.99 17.83
CA VAL J 108 14.17 -12.74 18.53
C VAL J 108 14.61 -13.13 19.93
N LEU J 109 15.92 -13.15 20.19
CA LEU J 109 16.41 -13.56 21.50
C LEU J 109 15.94 -12.57 22.56
N PRO J 110 15.77 -13.02 23.80
CA PRO J 110 15.28 -12.12 24.86
C PRO J 110 16.39 -11.28 25.50
N LEU J 111 16.74 -10.19 24.82
CA LEU J 111 17.83 -9.32 25.25
C LEU J 111 17.36 -7.90 25.56
N GLN J 112 16.08 -7.72 25.86
CA GLN J 112 15.54 -6.43 26.25
C GLN J 112 15.37 -6.37 27.77
N TYR J 113 15.66 -5.21 28.35
CA TYR J 113 15.58 -5.02 29.78
C TYR J 113 15.27 -3.57 30.07
N GLY J 114 15.27 -3.22 31.36
CA GLY J 114 15.03 -1.85 31.78
C GLY J 114 16.33 -1.08 31.95
N GLY J 115 16.46 0.03 31.22
CA GLY J 115 17.70 0.77 31.21
C GLY J 115 17.86 1.74 32.36
N ALA J 116 17.49 1.31 33.57
CA ALA J 116 17.65 2.09 34.80
C ALA J 116 16.86 3.39 34.79
N ASP J 117 15.98 3.58 33.80
CA ASP J 117 15.18 4.80 33.73
C ASP J 117 13.75 4.54 33.30
N GLY J 118 13.29 3.29 33.33
CA GLY J 118 11.95 2.95 32.90
C GLY J 118 11.77 2.82 31.41
N ALA J 119 12.81 3.03 30.62
CA ALA J 119 12.75 2.91 29.18
C ALA J 119 13.51 1.67 28.73
N ALA J 120 12.93 0.92 27.81
CA ALA J 120 13.52 -0.34 27.38
C ALA J 120 14.87 -0.11 26.72
N ALA J 121 15.80 -1.03 26.99
CA ALA J 121 17.11 -1.03 26.35
C ALA J 121 17.43 -2.46 25.95
N GLU J 122 17.92 -2.64 24.72
CA GLU J 122 18.22 -3.95 24.17
C GLU J 122 19.72 -4.11 24.03
N LEU J 123 20.25 -5.24 24.53
CA LEU J 123 21.67 -5.52 24.37
C LEU J 123 22.04 -5.66 22.90
N TYR J 124 21.20 -6.33 22.13
CA TYR J 124 21.39 -6.50 20.70
C TYR J 124 20.21 -5.90 19.94
N LYS J 125 20.51 -5.02 19.00
CA LYS J 125 19.52 -4.46 18.10
C LYS J 125 19.86 -4.86 16.67
N ALA J 126 18.84 -5.23 15.91
CA ALA J 126 19.06 -5.67 14.54
C ALA J 126 19.78 -4.55 13.77
N PRO J 127 20.93 -4.83 13.15
CA PRO J 127 21.68 -3.75 12.50
C PRO J 127 20.91 -3.07 11.39
N ALA J 128 19.95 -3.76 10.77
CA ALA J 128 19.16 -3.16 9.70
C ALA J 128 18.29 -2.01 10.20
N SER J 129 18.13 -1.85 11.51
CA SER J 129 17.45 -0.69 12.06
C SER J 129 18.35 0.54 12.07
N ASP J 130 19.60 0.41 11.65
CA ASP J 130 20.52 1.53 11.52
C ASP J 130 20.66 1.87 10.04
N ILE J 131 20.53 3.16 9.71
CA ILE J 131 20.58 3.57 8.31
C ILE J 131 21.91 3.22 7.67
N ASN J 132 22.99 3.17 8.47
CA ASN J 132 24.30 2.88 7.91
C ASN J 132 24.35 1.48 7.31
N PHE J 133 23.78 0.49 8.00
CA PHE J 133 23.82 -0.88 7.51
C PHE J 133 23.10 -1.02 6.18
N VAL J 134 21.86 -0.55 6.12
CA VAL J 134 21.07 -0.66 4.89
C VAL J 134 21.71 0.16 3.78
N LEU J 135 22.23 1.34 4.10
CA LEU J 135 22.87 2.15 3.08
C LEU J 135 24.10 1.45 2.52
N ALA J 136 24.90 0.84 3.39
CA ALA J 136 26.07 0.10 2.91
C ALA J 136 25.66 -1.00 1.95
N LEU J 137 24.69 -1.82 2.37
CA LEU J 137 24.25 -2.91 1.49
C LEU J 137 23.73 -2.38 0.16
N ALA J 138 22.82 -1.39 0.22
CA ALA J 138 22.18 -0.90 -0.99
C ALA J 138 23.17 -0.24 -1.93
N LEU J 139 24.10 0.56 -1.40
CA LEU J 139 25.05 1.23 -2.27
C LEU J 139 26.08 0.25 -2.82
N PHE J 140 26.46 -0.77 -2.06
CA PHE J 140 27.32 -1.80 -2.62
C PHE J 140 26.64 -2.48 -3.80
N VAL J 141 25.35 -2.83 -3.64
CA VAL J 141 24.63 -3.45 -4.74
C VAL J 141 24.53 -2.49 -5.92
N PHE J 142 24.27 -1.21 -5.64
CA PHE J 142 24.13 -0.21 -6.68
C PHE J 142 25.39 -0.14 -7.53
N VAL J 143 26.53 0.06 -6.87
CA VAL J 143 27.80 0.12 -7.59
C VAL J 143 28.05 -1.19 -8.32
N CYS J 144 27.72 -2.32 -7.69
CA CYS J 144 28.02 -3.61 -8.29
C CYS J 144 27.29 -3.78 -9.61
N TYR J 145 25.96 -3.61 -9.63
CA TYR J 145 25.28 -3.87 -10.89
C TYR J 145 25.46 -2.75 -11.89
N HIS J 146 25.75 -1.52 -11.46
CA HIS J 146 26.06 -0.50 -12.46
C HIS J 146 27.41 -0.77 -13.11
N ALA J 147 28.39 -1.24 -12.33
CA ALA J 147 29.65 -1.65 -12.93
C ALA J 147 29.45 -2.83 -13.87
N ALA J 148 28.60 -3.78 -13.48
CA ALA J 148 28.30 -4.90 -14.36
C ALA J 148 27.68 -4.43 -15.67
N GLY J 149 26.73 -3.49 -15.58
CA GLY J 149 26.13 -2.96 -16.79
C GLY J 149 27.11 -2.21 -17.66
N ILE J 150 28.02 -1.45 -17.04
CA ILE J 150 29.04 -0.74 -17.80
C ILE J 150 29.93 -1.73 -18.53
N TRP J 151 30.35 -2.80 -17.85
CA TRP J 151 31.17 -3.81 -18.49
C TRP J 151 30.40 -4.49 -19.63
N ARG J 152 29.11 -4.73 -19.42
CA ARG J 152 28.31 -5.42 -20.44
C ARG J 152 28.08 -4.55 -21.66
N ARG J 153 27.88 -3.24 -21.46
CA ARG J 153 27.42 -2.35 -22.53
C ARG J 153 28.30 -1.12 -22.68
N GLY J 154 29.54 -1.16 -22.21
CA GLY J 154 30.48 -0.09 -22.46
C GLY J 154 30.28 1.11 -21.54
N ILE J 155 31.28 1.99 -21.55
CA ILE J 155 31.25 3.15 -20.67
C ILE J 155 30.10 4.08 -21.03
N VAL J 156 29.90 4.34 -22.32
CA VAL J 156 28.92 5.32 -22.78
C VAL J 156 27.63 4.62 -23.17
N GLY J 157 27.72 3.37 -23.59
CA GLY J 157 26.54 2.66 -24.02
C GLY J 157 25.56 2.43 -22.87
N HIS J 158 26.07 2.01 -21.72
CA HIS J 158 25.17 1.71 -20.60
C HIS J 158 24.41 2.93 -20.11
N PRO J 159 25.04 4.06 -19.83
CA PRO J 159 24.24 5.24 -19.42
C PRO J 159 23.19 5.63 -20.45
N ILE J 160 23.53 5.55 -21.73
CA ILE J 160 22.54 5.87 -22.76
C ILE J 160 21.38 4.89 -22.69
N LYS J 161 21.68 3.61 -22.48
CA LYS J 161 20.62 2.61 -22.43
C LYS J 161 19.70 2.84 -21.23
N VAL J 162 20.26 3.14 -20.06
CA VAL J 162 19.42 3.35 -18.89
C VAL J 162 18.61 4.64 -19.03
N VAL J 163 19.21 5.69 -19.58
CA VAL J 163 18.47 6.94 -19.77
C VAL J 163 17.32 6.74 -20.75
N LYS J 164 17.59 6.05 -21.86
CA LYS J 164 16.55 5.82 -22.86
C LYS J 164 15.46 4.90 -22.32
N GLY J 165 15.82 3.93 -21.49
CA GLY J 165 14.83 3.02 -20.94
C GLY J 165 14.10 2.28 -22.04
N HIS J 166 12.77 2.21 -21.90
CA HIS J 166 11.94 1.52 -22.87
C HIS J 166 11.29 2.45 -23.88
N VAL J 167 10.94 3.66 -23.47
CA VAL J 167 10.47 4.70 -24.38
C VAL J 167 11.26 5.97 -24.08
N ALA J 168 11.92 6.52 -25.09
CA ALA J 168 12.82 7.64 -24.87
C ALA J 168 12.07 8.85 -24.33
N PHE J 169 10.80 9.03 -24.70
CA PHE J 169 10.06 10.21 -24.30
C PHE J 169 9.87 10.29 -22.78
N LEU J 170 10.05 9.18 -22.07
CA LEU J 170 10.01 9.17 -20.62
C LEU J 170 11.41 9.20 -20.01
N ALA J 171 12.36 9.85 -20.68
CA ALA J 171 13.72 9.90 -20.18
C ALA J 171 13.84 10.39 -18.75
N PRO J 172 13.13 11.43 -18.32
CA PRO J 172 13.21 11.85 -16.91
C PRO J 172 12.88 10.71 -15.95
N ILE J 173 11.70 10.13 -16.11
CA ILE J 173 11.27 9.07 -15.18
C ILE J 173 12.30 7.97 -15.12
N ASN J 174 12.81 7.55 -16.28
CA ASN J 174 13.84 6.51 -16.31
C ASN J 174 14.96 6.85 -15.35
N ILE J 175 15.50 8.07 -15.46
CA ILE J 175 16.57 8.48 -14.56
C ILE J 175 16.13 8.31 -13.11
N VAL J 176 14.95 8.84 -12.78
CA VAL J 176 14.44 8.71 -11.42
C VAL J 176 14.41 7.24 -11.02
N GLU J 177 13.92 6.38 -11.92
CA GLU J 177 13.85 4.96 -11.61
C GLU J 177 15.21 4.45 -11.13
N GLU J 178 16.27 4.81 -11.87
CA GLU J 178 17.60 4.38 -11.46
C GLU J 178 17.91 4.85 -10.05
N LEU J 179 17.71 6.15 -9.78
CA LEU J 179 17.97 6.66 -8.45
C LEU J 179 17.08 5.99 -7.42
N ALA J 180 15.89 5.54 -7.83
CA ALA J 180 15.00 4.87 -6.90
C ALA J 180 15.42 3.43 -6.62
N LYS J 181 16.24 2.83 -7.47
CA LYS J 181 16.64 1.44 -7.26
C LYS J 181 17.39 1.26 -5.95
N PRO J 182 18.46 2.00 -5.65
CA PRO J 182 19.16 1.80 -4.38
C PRO J 182 18.33 2.27 -3.19
N ILE J 183 17.75 3.47 -3.29
CA ILE J 183 16.99 4.02 -2.18
C ILE J 183 15.88 3.07 -1.77
N SER J 184 15.08 2.62 -2.74
CA SER J 184 14.02 1.66 -2.44
C SER J 184 14.58 0.43 -1.74
N LEU J 185 15.75 -0.05 -2.18
CA LEU J 185 16.34 -1.21 -1.54
C LEU J 185 16.69 -0.92 -0.09
N ALA J 186 17.21 0.27 0.20
CA ALA J 186 17.63 0.57 1.55
C ALA J 186 16.44 0.88 2.44
N LEU J 187 15.70 1.94 2.13
CA LEU J 187 14.64 2.41 3.00
C LEU J 187 13.69 1.27 3.36
N ARG J 188 13.21 0.54 2.35
CA ARG J 188 12.35 -0.60 2.60
C ARG J 188 12.89 -1.43 3.76
N LEU J 189 14.08 -2.00 3.57
CA LEU J 189 14.65 -2.84 4.61
C LEU J 189 14.68 -2.08 5.93
N PHE J 190 15.26 -0.88 5.90
CA PHE J 190 15.31 -0.05 7.10
C PHE J 190 13.95 -0.05 7.79
N GLY J 191 12.93 0.42 7.08
CA GLY J 191 11.63 0.52 7.68
C GLY J 191 11.19 -0.80 8.29
N ASN J 192 11.26 -1.87 7.49
CA ASN J 192 10.72 -3.14 7.93
C ASN J 192 11.37 -3.59 9.23
N ILE J 193 12.62 -3.21 9.45
CA ILE J 193 13.30 -3.56 10.70
C ILE J 193 13.16 -2.44 11.71
N PHE J 194 13.23 -1.19 11.26
CA PHE J 194 13.17 -0.07 12.19
C PHE J 194 11.87 -0.10 12.98
N ALA J 195 10.75 -0.31 12.29
CA ALA J 195 9.47 -0.43 12.97
C ALA J 195 9.54 -1.44 14.10
N GLY J 196 10.17 -2.59 13.85
CA GLY J 196 10.29 -3.58 14.91
C GLY J 196 10.92 -2.99 16.16
N GLY J 197 12.06 -2.33 15.99
CA GLY J 197 12.73 -1.76 17.14
C GLY J 197 11.87 -0.80 17.93
N ILE J 198 10.86 -0.21 17.30
CA ILE J 198 9.93 0.65 18.01
C ILE J 198 8.84 -0.17 18.69
N LEU J 199 8.23 -1.11 17.95
CA LEU J 199 7.09 -1.84 18.50
C LEU J 199 7.47 -2.53 19.80
N VAL J 200 8.59 -3.27 19.78
CA VAL J 200 9.04 -3.93 21.00
C VAL J 200 9.19 -2.90 22.12
N ALA J 201 9.85 -1.78 21.82
CA ALA J 201 9.97 -0.71 22.80
C ALA J 201 8.60 -0.29 23.30
N LEU J 202 7.65 -0.06 22.37
CA LEU J 202 6.30 0.27 22.79
C LEU J 202 5.73 -0.81 23.70
N ILE J 203 5.90 -2.07 23.30
CA ILE J 203 5.35 -3.16 24.09
C ILE J 203 6.02 -3.24 25.45
N ALA J 204 7.21 -2.65 25.59
CA ALA J 204 7.88 -2.64 26.88
C ALA J 204 7.21 -1.72 27.89
N MET J 205 6.27 -0.88 27.45
CA MET J 205 5.60 0.01 28.38
C MET J 205 4.58 -0.73 29.25
N PHE J 206 4.17 -1.92 28.85
CA PHE J 206 3.21 -2.69 29.62
C PHE J 206 3.89 -3.37 30.81
N PRO J 207 3.11 -3.75 31.83
CA PRO J 207 3.66 -4.63 32.86
C PRO J 207 3.93 -6.01 32.31
N TRP J 208 4.87 -6.71 32.95
CA TRP J 208 5.32 -8.00 32.41
C TRP J 208 4.14 -8.93 32.15
N TYR J 209 3.22 -9.05 33.12
CA TYR J 209 2.11 -9.97 33.00
C TYR J 209 1.20 -9.62 31.83
N ILE J 210 1.28 -8.38 31.32
CA ILE J 210 0.63 -8.02 30.07
C ILE J 210 1.62 -7.88 28.92
N GLN J 211 2.88 -7.52 29.21
CA GLN J 211 3.86 -7.32 28.15
C GLN J 211 4.18 -8.62 27.43
N TRP J 212 4.09 -9.76 28.11
CA TRP J 212 4.59 -11.00 27.52
C TRP J 212 3.85 -11.35 26.23
N PHE J 213 2.53 -11.17 26.20
CA PHE J 213 1.73 -11.68 25.07
C PHE J 213 1.94 -10.86 23.81
N PRO J 214 1.73 -9.54 23.82
CA PRO J 214 2.02 -8.78 22.59
C PRO J 214 3.46 -8.91 22.14
N ASN J 215 4.39 -9.00 23.09
CA ASN J 215 5.78 -9.20 22.73
C ASN J 215 5.96 -10.48 21.92
N ALA J 216 5.36 -11.59 22.39
CA ALA J 216 5.49 -12.86 21.68
C ALA J 216 4.87 -12.76 20.29
N VAL J 217 3.67 -12.21 20.20
CA VAL J 217 2.99 -12.12 18.90
C VAL J 217 3.84 -11.30 17.92
N TRP J 218 4.28 -10.13 18.37
CA TRP J 218 5.03 -9.25 17.48
C TRP J 218 6.35 -9.87 17.08
N LYS J 219 7.02 -10.56 18.01
CA LYS J 219 8.33 -11.11 17.67
C LYS J 219 8.22 -12.30 16.73
N THR J 220 7.14 -13.08 16.82
CA THR J 220 6.89 -14.10 15.80
C THR J 220 6.66 -13.44 14.43
N PHE J 221 5.79 -12.44 14.38
CA PHE J 221 5.59 -11.74 13.13
C PHE J 221 6.89 -11.13 12.62
N ASP J 222 7.78 -10.73 13.54
CA ASP J 222 9.04 -10.11 13.14
C ASP J 222 10.00 -11.15 12.58
N LEU J 223 9.98 -12.37 13.12
CA LEU J 223 10.71 -13.46 12.48
C LEU J 223 10.26 -13.60 11.03
N PHE J 224 8.95 -13.65 10.81
CA PHE J 224 8.44 -13.76 9.45
C PHE J 224 8.89 -12.58 8.59
N VAL J 225 8.80 -11.37 9.15
CA VAL J 225 9.15 -10.16 8.41
C VAL J 225 10.62 -10.18 8.02
N GLY J 226 11.49 -10.59 8.93
CA GLY J 226 12.91 -10.66 8.61
C GLY J 226 13.20 -11.65 7.50
N LEU J 227 12.57 -12.82 7.57
CA LEU J 227 12.73 -13.80 6.49
C LEU J 227 12.32 -13.19 5.16
N ILE J 228 11.13 -12.57 5.12
CA ILE J 228 10.62 -12.02 3.87
C ILE J 228 11.52 -10.90 3.38
N GLN J 229 12.03 -10.08 4.29
CA GLN J 229 12.87 -8.95 3.87
C GLN J 229 14.17 -9.44 3.28
N ALA J 230 14.80 -10.44 3.88
CA ALA J 230 16.00 -11.01 3.27
C ALA J 230 15.69 -11.54 1.89
N PHE J 231 14.59 -12.28 1.75
CA PHE J 231 14.22 -12.85 0.46
C PHE J 231 14.03 -11.75 -0.58
N ILE J 232 13.27 -10.71 -0.24
CA ILE J 232 13.00 -9.64 -1.20
C ILE J 232 14.28 -8.92 -1.57
N PHE J 233 15.13 -8.62 -0.59
CA PHE J 233 16.35 -7.88 -0.89
C PHE J 233 17.22 -8.66 -1.86
N SER J 234 17.42 -9.96 -1.59
CA SER J 234 18.26 -10.76 -2.48
C SER J 234 17.64 -10.89 -3.87
N LEU J 235 16.33 -11.13 -3.94
CA LEU J 235 15.68 -11.31 -5.23
C LEU J 235 15.76 -10.03 -6.05
N LEU J 236 15.52 -8.88 -5.43
CA LEU J 236 15.60 -7.62 -6.16
C LEU J 236 17.03 -7.31 -6.58
N THR J 237 18.02 -7.68 -5.76
CA THR J 237 19.41 -7.53 -6.19
C THR J 237 19.67 -8.32 -7.45
N ILE J 238 19.26 -9.60 -7.45
CA ILE J 238 19.47 -10.44 -8.62
C ILE J 238 18.80 -9.83 -9.85
N LEU J 239 17.57 -9.36 -9.68
CA LEU J 239 16.84 -8.87 -10.85
C LEU J 239 17.36 -7.53 -11.33
N TYR J 240 17.90 -6.70 -10.43
CA TYR J 240 18.56 -5.47 -10.87
C TYR J 240 19.82 -5.79 -11.67
N PHE J 241 20.59 -6.78 -11.23
CA PHE J 241 21.71 -7.24 -12.06
C PHE J 241 21.22 -7.69 -13.43
N SER J 242 20.14 -8.46 -13.46
CA SER J 242 19.63 -8.95 -14.74
C SER J 242 19.23 -7.79 -15.64
N GLN J 243 18.54 -6.79 -15.08
CA GLN J 243 18.13 -5.64 -15.88
C GLN J 243 19.34 -4.87 -16.39
N SER J 244 20.37 -4.71 -15.56
CA SER J 244 21.53 -3.92 -15.95
C SER J 244 22.47 -4.65 -16.90
N MET J 245 22.27 -5.96 -17.11
CA MET J 245 23.19 -6.75 -17.90
C MET J 245 22.58 -7.28 -19.19
N GLU J 246 21.39 -6.83 -19.56
CA GLU J 246 20.73 -7.29 -20.78
C GLU J 246 21.07 -6.35 -21.93
N LEU J 247 21.52 -6.92 -23.04
CA LEU J 247 21.90 -6.14 -24.20
C LEU J 247 20.67 -5.59 -24.91
N SER K 22 17.55 12.92 17.50
CA SER K 22 18.41 13.31 16.39
C SER K 22 18.03 12.57 15.12
N ASN K 23 18.23 13.22 13.97
CA ASN K 23 17.89 12.62 12.68
C ASN K 23 18.63 11.31 12.48
N PHE K 24 17.91 10.20 12.44
CA PHE K 24 18.51 8.88 12.28
C PHE K 24 18.64 8.48 10.82
N LEU K 25 18.27 9.34 9.88
CA LEU K 25 18.47 9.08 8.46
C LEU K 25 19.83 9.58 7.96
N ILE K 26 20.62 10.22 8.82
CA ILE K 26 21.92 10.75 8.42
C ILE K 26 22.94 9.62 8.46
N PRO K 27 23.58 9.27 7.34
CA PRO K 27 24.63 8.24 7.40
C PRO K 27 25.79 8.71 8.26
N ASN K 28 26.46 7.75 8.86
CA ASN K 28 27.55 7.99 9.79
C ASN K 28 28.78 7.23 9.29
N GLY K 29 29.91 7.40 9.99
CA GLY K 29 31.09 6.62 9.66
C GLY K 29 30.84 5.12 9.71
N THR K 30 29.87 4.71 10.52
CA THR K 30 29.52 3.29 10.61
C THR K 30 29.32 2.69 9.22
N PHE K 31 28.75 3.47 8.30
CA PHE K 31 28.54 3.00 6.94
C PHE K 31 29.75 2.25 6.41
N PHE K 32 30.94 2.82 6.58
CA PHE K 32 32.14 2.16 6.07
C PHE K 32 32.41 0.87 6.82
N ALA K 33 32.43 0.93 8.16
CA ALA K 33 32.80 -0.24 8.95
C ALA K 33 31.91 -1.42 8.59
N VAL K 34 30.60 -1.23 8.64
CA VAL K 34 29.68 -2.31 8.29
C VAL K 34 30.01 -2.84 6.91
N LEU K 35 30.20 -1.93 5.95
CA LEU K 35 30.53 -2.35 4.60
C LEU K 35 31.70 -3.32 4.62
N ILE K 36 32.77 -2.96 5.31
CA ILE K 36 33.96 -3.82 5.35
C ILE K 36 33.56 -5.20 5.84
N ILE K 37 32.82 -5.27 6.94
CA ILE K 37 32.43 -6.56 7.48
C ILE K 37 31.68 -7.35 6.41
N PHE K 38 30.72 -6.70 5.75
CA PHE K 38 29.97 -7.38 4.70
C PHE K 38 30.93 -7.96 3.67
N LEU K 39 31.86 -7.13 3.20
CA LEU K 39 32.81 -7.61 2.21
C LEU K 39 33.49 -8.88 2.70
N ILE K 40 33.96 -8.86 3.96
CA ILE K 40 34.64 -10.04 4.48
C ILE K 40 33.75 -11.26 4.34
N VAL K 41 32.51 -11.15 4.79
CA VAL K 41 31.59 -12.28 4.68
C VAL K 41 31.48 -12.70 3.23
N LEU K 42 31.28 -11.73 2.34
CA LEU K 42 31.17 -12.04 0.92
C LEU K 42 32.36 -12.89 0.49
N GLY K 43 33.56 -12.45 0.84
CA GLY K 43 34.75 -13.21 0.46
C GLY K 43 34.64 -14.66 0.87
N VAL K 44 34.30 -14.90 2.14
CA VAL K 44 34.15 -16.26 2.61
C VAL K 44 33.11 -17.00 1.78
N ILE K 45 31.94 -16.39 1.62
CA ILE K 45 30.87 -17.04 0.90
C ILE K 45 31.27 -17.26 -0.55
N SER K 46 32.20 -16.45 -1.07
CA SER K 46 32.63 -16.63 -2.44
C SER K 46 33.57 -17.80 -2.61
N LYS K 47 34.33 -18.15 -1.58
CA LYS K 47 35.43 -19.10 -1.73
C LYS K 47 35.34 -20.30 -0.81
N TRP K 48 34.31 -20.40 0.03
CA TRP K 48 34.18 -21.56 0.91
C TRP K 48 32.76 -22.06 1.08
N VAL K 49 31.79 -21.48 0.37
CA VAL K 49 30.40 -21.93 0.49
C VAL K 49 29.84 -22.23 -0.89
N VAL K 50 29.94 -21.26 -1.80
CA VAL K 50 29.29 -21.36 -3.11
C VAL K 50 30.07 -22.29 -4.03
N PRO K 51 31.40 -22.24 -4.09
CA PRO K 51 32.12 -23.16 -4.98
C PRO K 51 31.96 -24.60 -4.55
N PRO K 52 32.17 -24.93 -3.27
CA PRO K 52 31.93 -26.32 -2.84
C PRO K 52 30.50 -26.76 -3.05
N ILE K 53 29.52 -25.89 -2.82
CA ILE K 53 28.12 -26.28 -2.98
C ILE K 53 27.80 -26.52 -4.45
N SER K 54 28.31 -25.66 -5.33
CA SER K 54 28.11 -25.87 -6.76
C SER K 54 28.77 -27.17 -7.21
N LYS K 55 29.97 -27.46 -6.70
CA LYS K 55 30.62 -28.71 -7.04
C LYS K 55 29.79 -29.90 -6.57
N VAL K 56 29.24 -29.83 -5.36
CA VAL K 56 28.44 -30.93 -4.84
C VAL K 56 27.18 -31.13 -5.68
N LEU K 57 26.51 -30.03 -6.03
CA LEU K 57 25.29 -30.15 -6.84
C LEU K 57 25.59 -30.70 -8.22
N ALA K 58 26.67 -30.24 -8.85
CA ALA K 58 27.05 -30.78 -10.15
C ALA K 58 27.39 -32.26 -10.05
N GLU K 59 28.09 -32.65 -8.97
CA GLU K 59 28.41 -34.05 -8.78
C GLU K 59 27.15 -34.88 -8.61
N ARG K 60 26.17 -34.37 -7.87
CA ARG K 60 24.92 -35.10 -7.70
C ARG K 60 24.17 -35.25 -9.02
N GLU K 61 24.12 -34.19 -9.83
CA GLU K 61 23.48 -34.28 -11.13
C GLU K 61 24.19 -35.29 -12.02
N ALA K 62 25.52 -35.24 -12.04
CA ALA K 62 26.27 -36.21 -12.84
C ALA K 62 26.05 -37.62 -12.34
N MET K 63 25.93 -37.80 -11.03
CA MET K 63 25.66 -39.11 -10.47
C MET K 63 24.30 -39.64 -10.90
N LEU K 64 23.28 -38.78 -10.91
CA LEU K 64 21.96 -39.20 -11.39
C LEU K 64 22.02 -39.58 -12.85
N ALA K 65 22.70 -38.78 -13.67
CA ALA K 65 22.83 -39.10 -15.08
C ALA K 65 23.56 -40.43 -15.27
N LYS K 66 24.62 -40.65 -14.50
CA LYS K 66 25.37 -41.89 -14.59
C LYS K 66 24.52 -43.08 -14.17
N THR K 67 23.69 -42.91 -13.15
CA THR K 67 22.80 -44.00 -12.74
C THR K 67 21.83 -44.35 -13.86
N ALA K 68 21.23 -43.33 -14.47
CA ALA K 68 20.30 -43.59 -15.57
C ALA K 68 21.01 -44.28 -16.73
N ALA K 69 22.21 -43.81 -17.07
CA ALA K 69 22.97 -44.41 -18.16
C ALA K 69 23.35 -45.85 -17.84
N ASP K 70 23.71 -46.12 -16.60
CA ASP K 70 24.07 -47.48 -16.21
C ASP K 70 22.87 -48.42 -16.28
N ASN K 71 21.70 -47.94 -15.85
CA ASN K 71 20.50 -48.76 -15.98
C ASN K 71 20.21 -49.06 -17.44
N ARG K 72 20.30 -48.04 -18.30
CA ARG K 72 20.05 -48.25 -19.72
C ARG K 72 21.06 -49.22 -20.31
N LYS K 73 22.34 -49.09 -19.93
CA LYS K 73 23.38 -49.97 -20.44
C LYS K 73 23.15 -51.40 -19.98
N SER K 74 22.76 -51.59 -18.73
CA SER K 74 22.46 -52.94 -18.26
C SER K 74 21.30 -53.55 -19.03
N ALA K 75 20.25 -52.75 -19.28
CA ALA K 75 19.10 -53.26 -20.03
C ALA K 75 19.51 -53.68 -21.44
N GLU K 76 20.21 -52.80 -22.15
CA GLU K 76 20.59 -53.13 -23.53
C GLU K 76 21.56 -54.30 -23.56
N GLN K 77 22.47 -54.37 -22.58
CA GLN K 77 23.42 -55.48 -22.54
C GLN K 77 22.71 -56.80 -22.30
N VAL K 78 21.74 -56.83 -21.37
CA VAL K 78 21.05 -58.08 -21.10
C VAL K 78 20.22 -58.49 -22.31
N ALA K 79 19.66 -57.52 -23.03
CA ALA K 79 18.97 -57.86 -24.28
C ALA K 79 19.93 -58.44 -25.29
N ALA K 80 21.10 -57.82 -25.45
CA ALA K 80 22.08 -58.29 -26.42
C ALA K 80 22.61 -59.67 -26.06
N ALA K 81 22.69 -59.98 -24.77
CA ALA K 81 23.20 -61.28 -24.35
C ALA K 81 22.46 -62.42 -25.03
N GLN K 82 21.13 -62.39 -24.96
CA GLN K 82 20.35 -63.40 -25.66
C GLN K 82 20.27 -63.12 -27.15
N ALA K 83 20.27 -61.84 -27.55
CA ALA K 83 20.25 -61.52 -28.98
C ALA K 83 21.51 -62.03 -29.67
N ASP K 84 22.66 -61.87 -29.03
CA ASP K 84 23.92 -62.34 -29.59
C ASP K 84 24.26 -63.74 -29.09
N MET L 1 13.88 -4.80 35.13
CA MET L 1 13.60 -6.19 35.61
C MET L 1 12.22 -6.64 35.13
N SER L 2 11.22 -5.79 35.31
CA SER L 2 9.88 -6.12 34.82
C SER L 2 9.88 -6.27 33.32
N ILE L 3 10.56 -5.36 32.61
CA ILE L 3 10.68 -5.49 31.16
C ILE L 3 11.36 -6.80 30.79
N PHE L 4 12.45 -7.12 31.50
CA PHE L 4 13.16 -8.37 31.22
C PHE L 4 12.27 -9.57 31.47
N ILE L 5 11.51 -9.56 32.56
CA ILE L 5 10.65 -10.70 32.87
C ILE L 5 9.58 -10.86 31.80
N GLY L 6 8.94 -9.75 31.42
CA GLY L 6 7.89 -9.84 30.41
C GLY L 6 8.42 -10.33 29.08
N GLN L 7 9.53 -9.77 28.62
CA GLN L 7 10.08 -10.19 27.33
C GLN L 7 10.62 -11.62 27.40
N LEU L 8 11.09 -12.06 28.57
CA LEU L 8 11.54 -13.45 28.70
C LEU L 8 10.36 -14.41 28.62
N ILE L 9 9.24 -14.06 29.25
CA ILE L 9 8.04 -14.90 29.13
C ILE L 9 7.57 -14.92 27.67
N GLY L 10 7.62 -13.76 27.01
CA GLY L 10 7.27 -13.73 25.59
C GLY L 10 8.16 -14.62 24.74
N PHE L 11 9.46 -14.58 25.00
CA PHE L 11 10.38 -15.44 24.26
C PHE L 11 10.12 -16.91 24.57
N ALA L 12 9.76 -17.24 25.81
CA ALA L 12 9.40 -18.61 26.13
C ALA L 12 8.18 -19.06 25.33
N VAL L 13 7.18 -18.18 25.20
CA VAL L 13 6.02 -18.50 24.37
C VAL L 13 6.45 -18.71 22.92
N ILE L 14 7.34 -17.85 22.42
CA ILE L 14 7.80 -17.98 21.03
C ILE L 14 8.50 -19.32 20.84
N ALA L 15 9.37 -19.68 21.77
CA ALA L 15 10.11 -20.93 21.67
C ALA L 15 9.17 -22.13 21.72
N PHE L 16 8.18 -22.07 22.60
CA PHE L 16 7.19 -23.16 22.66
C PHE L 16 6.46 -23.30 21.34
N ILE L 17 6.03 -22.17 20.76
CA ILE L 17 5.32 -22.23 19.48
C ILE L 17 6.21 -22.84 18.41
N ILE L 18 7.47 -22.40 18.36
CA ILE L 18 8.39 -22.88 17.33
C ILE L 18 8.60 -24.38 17.47
N VAL L 19 8.91 -24.84 18.69
CA VAL L 19 9.19 -26.26 18.87
C VAL L 19 7.96 -27.10 18.63
N LYS L 20 6.78 -26.59 18.98
CA LYS L 20 5.57 -27.40 18.84
C LYS L 20 5.12 -27.50 17.40
N TRP L 21 5.14 -26.41 16.64
CA TRP L 21 4.49 -26.37 15.34
C TRP L 21 5.40 -26.03 14.17
N VAL L 22 6.63 -25.60 14.41
CA VAL L 22 7.56 -25.25 13.35
C VAL L 22 8.70 -26.26 13.24
N VAL L 23 9.24 -26.70 14.38
CA VAL L 23 10.33 -27.68 14.35
C VAL L 23 9.89 -28.98 13.69
N PRO L 24 8.72 -29.54 13.99
CA PRO L 24 8.36 -30.85 13.43
C PRO L 24 8.37 -30.84 11.91
N PRO L 25 7.62 -29.94 11.26
CA PRO L 25 7.62 -29.96 9.78
C PRO L 25 8.98 -29.71 9.17
N VAL L 26 9.78 -28.81 9.75
CA VAL L 26 11.10 -28.52 9.18
C VAL L 26 12.01 -29.73 9.32
N ARG L 27 11.99 -30.37 10.48
CA ARG L 27 12.80 -31.57 10.67
C ARG L 27 12.34 -32.68 9.73
N THR L 28 11.03 -32.77 9.50
CA THR L 28 10.53 -33.76 8.55
C THR L 28 11.04 -33.48 7.14
N LEU L 29 11.05 -32.21 6.75
CA LEU L 29 11.58 -31.85 5.43
C LEU L 29 13.05 -32.21 5.32
N MET L 30 13.84 -31.90 6.35
CA MET L 30 15.26 -32.23 6.32
C MET L 30 15.47 -33.74 6.25
N ARG L 31 14.70 -34.49 7.04
CA ARG L 31 14.81 -35.95 7.00
C ARG L 31 14.44 -36.50 5.64
N ASN L 32 13.38 -35.95 5.03
CA ASN L 32 12.99 -36.41 3.70
C ASN L 32 14.08 -36.14 2.68
N GLN L 33 14.69 -34.95 2.73
CA GLN L 33 15.78 -34.65 1.81
C GLN L 33 16.96 -35.60 2.03
N GLN L 34 17.31 -35.85 3.29
CA GLN L 34 18.42 -36.75 3.58
C GLN L 34 18.13 -38.16 3.06
N GLU L 35 16.90 -38.64 3.26
CA GLU L 35 16.54 -39.97 2.79
C GLU L 35 16.53 -40.02 1.27
N ALA L 36 16.12 -38.94 0.62
CA ALA L 36 16.17 -38.89 -0.84
C ALA L 36 17.61 -38.99 -1.33
N VAL L 37 18.52 -38.27 -0.68
CA VAL L 37 19.93 -38.34 -1.09
C VAL L 37 20.47 -39.75 -0.86
N ARG L 38 20.14 -40.35 0.28
CA ARG L 38 20.60 -41.71 0.56
C ARG L 38 20.05 -42.69 -0.47
N ALA L 39 18.78 -42.54 -0.83
CA ALA L 39 18.19 -43.41 -1.83
C ALA L 39 18.87 -43.22 -3.19
N ALA L 40 19.19 -41.98 -3.55
CA ALA L 40 19.88 -41.75 -4.82
C ALA L 40 21.24 -42.43 -4.81
N LEU L 41 21.97 -42.33 -3.70
CA LEU L 41 23.27 -43.01 -3.61
C LEU L 41 23.10 -44.52 -3.71
N ALA L 42 22.07 -45.07 -3.06
CA ALA L 42 21.82 -46.50 -3.12
C ALA L 42 21.49 -46.94 -4.55
N GLU L 43 20.68 -46.15 -5.26
CA GLU L 43 20.39 -46.47 -6.66
C GLU L 43 21.66 -46.42 -7.51
N SER L 44 22.54 -45.45 -7.24
CA SER L 44 23.80 -45.40 -7.98
C SER L 44 24.61 -46.66 -7.74
N ALA L 45 24.73 -47.07 -6.48
CA ALA L 45 25.52 -48.25 -6.15
C ALA L 45 24.93 -49.50 -6.80
N GLU L 46 23.62 -49.67 -6.70
CA GLU L 46 23.01 -50.87 -7.25
C GLU L 46 23.02 -50.84 -8.77
N ALA L 47 23.02 -49.66 -9.39
CA ALA L 47 23.17 -49.58 -10.84
C ALA L 47 24.58 -49.98 -11.27
N ALA L 48 25.58 -49.57 -10.49
CA ALA L 48 26.93 -50.03 -10.77
C ALA L 48 27.01 -51.55 -10.64
N LYS L 49 26.39 -52.11 -9.61
CA LYS L 49 26.36 -53.56 -9.46
C LYS L 49 25.63 -54.23 -10.62
N LYS L 50 24.53 -53.62 -11.08
CA LYS L 50 23.80 -54.16 -12.23
C LYS L 50 24.66 -54.17 -13.47
N LEU L 51 25.42 -53.10 -13.71
CA LEU L 51 26.30 -53.06 -14.86
C LEU L 51 27.40 -54.10 -14.74
N ALA L 52 27.93 -54.29 -13.53
CA ALA L 52 28.93 -55.34 -13.33
C ALA L 52 28.36 -56.72 -13.65
N ASP L 53 27.15 -56.99 -13.17
CA ASP L 53 26.52 -58.28 -13.46
C ASP L 53 26.22 -58.44 -14.94
N ALA L 54 25.82 -57.36 -15.60
CA ALA L 54 25.57 -57.42 -17.04
C ALA L 54 26.86 -57.73 -17.79
N ASP L 55 27.96 -57.11 -17.40
CA ASP L 55 29.25 -57.42 -18.02
C ASP L 55 29.64 -58.87 -17.77
N ALA L 56 29.39 -59.37 -16.55
CA ALA L 56 29.68 -60.77 -16.25
C ALA L 56 28.87 -61.69 -17.15
N MET L 57 27.58 -61.40 -17.31
CA MET L 57 26.74 -62.24 -18.18
C MET L 57 27.21 -62.17 -19.62
N HIS L 58 27.59 -60.98 -20.08
CA HIS L 58 28.12 -60.86 -21.44
C HIS L 58 29.36 -61.71 -21.61
N ALA L 59 30.26 -61.69 -20.62
CA ALA L 59 31.44 -62.54 -20.69
C ALA L 59 31.05 -64.01 -20.73
N LYS L 60 30.07 -64.41 -19.91
CA LYS L 60 29.62 -65.79 -19.92
C LYS L 60 29.02 -66.17 -21.28
N ALA L 61 28.21 -65.29 -21.86
CA ALA L 61 27.59 -65.55 -23.15
C ALA L 61 28.39 -64.88 -24.27
#